data_9DTA
#
_entry.id   9DTA
#
_cell.length_a   48.428
_cell.length_b   76.316
_cell.length_c   77.043
_cell.angle_alpha   119.12
_cell.angle_beta   95.90
_cell.angle_gamma   102.57
#
_symmetry.space_group_name_H-M   'P 1'
#
loop_
_entity.id
_entity.type
_entity.pdbx_description
1 polymer 'WD repeat-containing protein 91'
2 non-polymer N-(1-benzoyl-1,2,3,4-tetrahydroquinolin-6-yl)-2-(3-cyano-2-methoxyphenyl)acetamide
3 water water
#
_entity_poly.entity_id   1
_entity_poly.type   'polypeptide(L)'
_entity_poly.pdbx_seq_one_letter_code
;MHHHHHHSSGRENLYFQGPEQPFIVLGQEEYGEHHSSIMHCRVDCSGRRVASLDVDGVIKVWSFNPIMQTKASSISKSPL
LSLEWATKRDRLLLLGSGVGTVRLYDTEAKKNLCEININDNMPRILSLACSPNGASFVCSAAAPSLTSQVDFSAPDIGSK
GMNQVPGRLLLWDTKTMKQQLQFSLDPEPIAINCTAFNHNGNLLVTGAADGVIRLFDMQQHECAMSWRAHYGEVYSVEFS
YDENTVYSIGEDGKFIQWNIHKSGLKVSEYSLPSDATGPFVLSGYSGYKQVQVPRGRLFAFDSEGNYMLTCSATGGVIYK
LGGDEKVLESCLSLGGHRAPVVTVDWSTAMDCGTCLTASMDGKIKLTTLLAHKA
;
_entity_poly.pdbx_strand_id   A,B
#
loop_
_chem_comp.id
_chem_comp.type
_chem_comp.name
_chem_comp.formula
A1BBV non-polymer N-(1-benzoyl-1,2,3,4-tetrahydroquinolin-6-yl)-2-(3-cyano-2-methoxyphenyl)acetamide 'C26 H23 N3 O3'
#
# COMPACT_ATOMS: atom_id res chain seq x y z
N GLN A 21 31.73 15.50 -18.83
CA GLN A 21 31.00 14.57 -17.92
C GLN A 21 31.77 14.49 -16.61
N PRO A 22 31.21 14.99 -15.49
CA PRO A 22 31.93 15.04 -14.20
C PRO A 22 32.09 13.71 -13.47
N PHE A 23 31.34 12.67 -13.91
CA PHE A 23 31.44 11.33 -13.34
C PHE A 23 31.46 10.30 -14.46
N ILE A 24 32.25 9.23 -14.29
CA ILE A 24 32.03 8.00 -15.02
C ILE A 24 31.21 7.06 -14.13
N VAL A 25 30.15 6.48 -14.71
CA VAL A 25 29.39 5.41 -14.08
C VAL A 25 30.10 4.07 -14.34
N LEU A 26 30.67 3.47 -13.28
CA LEU A 26 31.43 2.23 -13.38
C LEU A 26 30.50 1.02 -13.30
N GLY A 27 29.27 1.23 -12.82
CA GLY A 27 28.28 0.17 -12.86
C GLY A 27 27.11 0.44 -11.92
N GLN A 28 26.10 -0.41 -12.08
CA GLN A 28 24.89 -0.40 -11.27
C GLN A 28 24.62 -1.83 -10.84
N GLU A 29 24.47 -2.04 -9.52
CA GLU A 29 24.12 -3.35 -8.97
C GLU A 29 22.83 -3.22 -8.16
N GLU A 30 22.23 -4.35 -7.82
CA GLU A 30 20.93 -4.37 -7.17
C GLU A 30 20.93 -5.29 -5.96
N TYR A 31 20.55 -4.76 -4.79
CA TYR A 31 20.31 -5.58 -3.61
C TYR A 31 18.80 -5.78 -3.48
N GLY A 32 18.37 -7.05 -3.39
CA GLY A 32 16.96 -7.42 -3.54
C GLY A 32 16.43 -8.23 -2.35
N GLU A 33 17.06 -8.07 -1.18
CA GLU A 33 16.76 -8.93 -0.03
C GLU A 33 15.56 -8.40 0.76
N HIS A 34 15.12 -7.16 0.47
CA HIS A 34 13.92 -6.62 1.09
C HIS A 34 12.73 -6.97 0.19
N HIS A 35 11.59 -7.29 0.79
CA HIS A 35 10.41 -7.65 0.00
C HIS A 35 9.33 -6.59 0.14
N SER A 36 9.66 -5.50 0.82
CA SER A 36 8.72 -4.42 1.10
C SER A 36 9.40 -3.09 0.87
N SER A 37 8.59 -2.02 0.79
CA SER A 37 9.09 -0.72 0.45
C SER A 37 10.17 -0.31 1.46
N ILE A 38 11.20 0.38 0.97
CA ILE A 38 12.29 0.82 1.81
C ILE A 38 11.89 2.12 2.50
N MET A 39 12.29 2.23 3.77
CA MET A 39 12.13 3.43 4.55
C MET A 39 13.46 4.16 4.62
N HIS A 40 14.54 3.45 4.94
CA HIS A 40 15.83 4.08 5.13
C HIS A 40 16.92 3.23 4.53
N CYS A 41 17.96 3.91 4.03
N CYS A 41 17.86 3.85 3.83
CA CYS A 41 19.08 3.26 3.36
CA CYS A 41 19.09 3.17 3.51
C CYS A 41 20.33 4.13 3.52
C CYS A 41 20.23 4.16 3.66
N ARG A 42 21.22 3.75 4.46
CA ARG A 42 22.32 4.64 4.86
C ARG A 42 23.63 3.86 4.86
N VAL A 43 24.65 4.50 4.26
CA VAL A 43 26.00 3.98 4.30
C VAL A 43 26.61 4.36 5.65
N ASP A 44 27.38 3.44 6.21
CA ASP A 44 28.05 3.64 7.49
C ASP A 44 29.23 4.59 7.31
N CYS A 45 29.91 4.90 8.43
CA CYS A 45 30.89 5.98 8.47
C CYS A 45 32.17 5.52 7.79
N SER A 46 32.39 4.20 7.75
CA SER A 46 33.53 3.66 7.02
C SER A 46 33.29 3.73 5.50
N GLY A 47 32.04 3.90 5.08
CA GLY A 47 31.71 3.91 3.66
C GLY A 47 31.74 2.49 3.08
N ARG A 48 31.60 1.48 3.93
CA ARG A 48 31.77 0.11 3.47
C ARG A 48 30.52 -0.73 3.76
N ARG A 49 29.58 -0.21 4.57
CA ARG A 49 28.40 -1.01 4.88
C ARG A 49 27.15 -0.17 4.68
N VAL A 50 26.05 -0.86 4.36
CA VAL A 50 24.73 -0.26 4.31
C VAL A 50 23.87 -0.86 5.42
N ALA A 51 23.10 0.00 6.08
CA ALA A 51 21.99 -0.44 6.89
C ALA A 51 20.72 0.02 6.20
N SER A 52 19.87 -0.93 5.86
CA SER A 52 18.60 -0.61 5.25
C SER A 52 17.46 -1.24 6.03
N LEU A 53 16.32 -0.55 5.99
CA LEU A 53 15.13 -0.83 6.77
C LEU A 53 13.91 -0.59 5.90
N ASP A 54 13.02 -1.58 5.87
CA ASP A 54 11.79 -1.49 5.09
C ASP A 54 10.60 -1.28 6.03
N VAL A 55 9.39 -1.19 5.46
CA VAL A 55 8.21 -0.72 6.18
C VAL A 55 7.60 -1.87 6.98
N ASP A 56 8.07 -3.11 6.73
CA ASP A 56 7.74 -4.28 7.52
C ASP A 56 8.70 -4.45 8.70
N GLY A 57 9.61 -3.49 8.90
CA GLY A 57 10.52 -3.48 10.05
C GLY A 57 11.73 -4.43 9.90
N VAL A 58 11.99 -4.95 8.67
CA VAL A 58 13.18 -5.72 8.42
C VAL A 58 14.39 -4.78 8.25
N ILE A 59 15.42 -5.01 9.10
CA ILE A 59 16.73 -4.38 9.00
C ILE A 59 17.69 -5.34 8.30
N LYS A 60 18.42 -4.82 7.29
CA LYS A 60 19.49 -5.55 6.66
C LYS A 60 20.77 -4.72 6.72
N VAL A 61 21.88 -5.36 7.10
CA VAL A 61 23.21 -4.77 7.07
C VAL A 61 24.06 -5.55 6.08
N TRP A 62 24.56 -4.87 5.03
CA TRP A 62 25.22 -5.56 3.93
C TRP A 62 26.41 -4.75 3.40
N SER A 63 27.45 -5.48 2.94
CA SER A 63 28.57 -4.87 2.24
C SER A 63 28.29 -4.97 0.76
N PHE A 64 29.04 -4.23 -0.05
CA PHE A 64 28.80 -4.21 -1.49
C PHE A 64 30.10 -4.12 -2.28
N ASN A 65 31.24 -4.08 -1.58
CA ASN A 65 32.54 -3.87 -2.22
C ASN A 65 33.51 -4.86 -1.60
N PRO A 66 33.95 -5.89 -2.35
CA PRO A 66 33.76 -5.98 -3.80
C PRO A 66 32.54 -6.72 -4.33
N ILE A 67 31.76 -7.31 -3.42
CA ILE A 67 30.52 -7.97 -3.77
C ILE A 67 29.50 -7.69 -2.66
N MET A 68 28.22 -7.87 -2.99
CA MET A 68 27.16 -7.71 -2.01
C MET A 68 27.02 -8.99 -1.21
N GLN A 69 27.08 -8.87 0.11
CA GLN A 69 26.61 -9.94 0.96
C GLN A 69 26.02 -9.36 2.24
N THR A 70 25.03 -10.08 2.77
CA THR A 70 24.28 -9.66 3.94
C THR A 70 25.07 -10.05 5.18
N LYS A 71 25.40 -9.06 6.01
CA LYS A 71 26.17 -9.29 7.23
C LYS A 71 25.23 -9.53 8.43
N ALA A 72 24.02 -8.94 8.39
CA ALA A 72 23.06 -9.14 9.47
C ALA A 72 21.64 -8.83 8.99
N SER A 73 20.68 -9.58 9.51
CA SER A 73 19.31 -9.54 9.02
C SER A 73 18.36 -9.82 10.18
N SER A 74 17.56 -8.82 10.55
CA SER A 74 16.63 -8.99 11.68
C SER A 74 15.29 -8.34 11.37
N ILE A 75 14.26 -8.79 12.11
CA ILE A 75 12.90 -8.30 11.98
C ILE A 75 12.54 -7.62 13.30
N SER A 76 12.15 -6.34 13.23
CA SER A 76 11.74 -5.60 14.43
C SER A 76 10.32 -5.99 14.84
N LYS A 77 10.13 -6.34 16.10
CA LYS A 77 8.78 -6.46 16.67
C LYS A 77 8.17 -5.06 16.78
N SER A 78 8.98 -4.10 17.27
CA SER A 78 8.58 -2.71 17.36
C SER A 78 8.64 -2.07 15.96
N PRO A 79 7.67 -1.20 15.62
CA PRO A 79 7.80 -0.34 14.44
C PRO A 79 8.96 0.65 14.58
N LEU A 80 9.75 0.82 13.50
CA LEU A 80 10.95 1.68 13.53
C LEU A 80 10.75 2.86 12.60
N LEU A 81 11.21 4.03 13.02
CA LEU A 81 10.98 5.25 12.26
C LEU A 81 12.28 5.89 11.81
N SER A 82 13.41 5.59 12.50
CA SER A 82 14.65 6.28 12.19
C SER A 82 15.86 5.38 12.41
N LEU A 83 16.95 5.72 11.73
CA LEU A 83 18.15 4.90 11.72
C LEU A 83 19.38 5.79 11.54
N GLU A 84 20.41 5.61 12.39
CA GLU A 84 21.58 6.50 12.37
C GLU A 84 22.80 5.70 12.80
N TRP A 85 23.81 5.64 11.91
CA TRP A 85 25.09 5.06 12.20
C TRP A 85 25.83 5.91 13.24
N ALA A 86 26.52 5.23 14.16
CA ALA A 86 27.45 5.85 15.09
C ALA A 86 28.68 6.35 14.34
N THR A 87 29.32 7.40 14.87
CA THR A 87 30.43 8.06 14.18
C THR A 87 31.77 7.49 14.64
N LYS A 88 32.01 7.46 15.95
CA LYS A 88 33.32 7.08 16.47
C LYS A 88 33.39 5.57 16.72
N ARG A 89 32.25 4.88 16.83
CA ARG A 89 32.24 3.43 16.89
C ARG A 89 31.45 2.92 15.69
N ASP A 90 32.20 2.50 14.66
CA ASP A 90 31.73 2.30 13.31
C ASP A 90 30.53 1.35 13.24
N ARG A 91 30.59 0.28 14.03
CA ARG A 91 29.68 -0.85 13.85
C ARG A 91 28.39 -0.65 14.67
N LEU A 92 28.26 0.47 15.39
CA LEU A 92 27.06 0.72 16.20
C LEU A 92 26.02 1.46 15.37
N LEU A 93 24.79 0.96 15.44
CA LEU A 93 23.63 1.55 14.75
C LEU A 93 22.56 1.94 15.77
N LEU A 94 22.15 3.22 15.71
CA LEU A 94 21.06 3.72 16.52
C LEU A 94 19.75 3.55 15.75
N LEU A 95 18.76 2.90 16.40
CA LEU A 95 17.46 2.68 15.81
C LEU A 95 16.40 3.33 16.70
N GLY A 96 15.57 4.15 16.08
CA GLY A 96 14.55 4.87 16.80
C GLY A 96 13.18 4.34 16.42
N SER A 97 12.38 3.98 17.45
CA SER A 97 11.15 3.22 17.27
C SER A 97 9.98 4.19 17.22
N GLY A 98 8.77 3.61 17.06
CA GLY A 98 7.53 4.36 17.17
C GLY A 98 6.85 4.11 18.51
N VAL A 99 7.58 3.51 19.45
CA VAL A 99 7.04 3.22 20.77
C VAL A 99 8.00 3.82 21.81
N GLY A 100 8.66 4.91 21.42
CA GLY A 100 9.37 5.78 22.36
C GLY A 100 10.71 5.18 22.81
N THR A 101 11.42 4.47 21.92
CA THR A 101 12.66 3.82 22.33
C THR A 101 13.76 4.05 21.31
N VAL A 102 14.99 3.96 21.80
CA VAL A 102 16.16 3.88 20.95
C VAL A 102 16.92 2.61 21.26
N ARG A 103 17.22 1.81 20.21
CA ARG A 103 18.02 0.60 20.36
C ARG A 103 19.43 0.88 19.85
N LEU A 104 20.43 0.56 20.68
CA LEU A 104 21.81 0.64 20.26
C LEU A 104 22.24 -0.74 19.83
N TYR A 105 22.33 -0.95 18.50
CA TYR A 105 22.54 -2.28 17.93
C TYR A 105 23.97 -2.42 17.40
N ASP A 106 24.62 -3.55 17.76
CA ASP A 106 25.99 -3.85 17.37
C ASP A 106 25.97 -4.76 16.15
N THR A 107 26.35 -4.19 14.98
CA THR A 107 26.16 -4.85 13.69
C THR A 107 27.14 -6.01 13.54
N GLU A 108 28.24 -5.97 14.30
CA GLU A 108 29.28 -6.97 14.20
C GLU A 108 28.88 -8.20 15.03
N ALA A 109 28.38 -7.96 16.26
CA ALA A 109 28.00 -9.03 17.17
C ALA A 109 26.56 -9.47 16.90
N LYS A 110 25.79 -8.63 16.19
CA LYS A 110 24.42 -8.94 15.83
C LYS A 110 23.55 -9.05 17.09
N LYS A 111 23.68 -8.08 18.00
CA LYS A 111 22.85 -8.01 19.20
C LYS A 111 22.75 -6.55 19.66
N ASN A 112 21.67 -6.23 20.37
CA ASN A 112 21.50 -4.93 21.00
C ASN A 112 22.41 -4.81 22.22
N LEU A 113 23.04 -3.65 22.41
CA LEU A 113 23.81 -3.39 23.61
C LEU A 113 22.89 -2.83 24.69
N CYS A 114 21.90 -2.04 24.27
CA CYS A 114 20.89 -1.52 25.16
C CYS A 114 19.73 -0.99 24.34
N GLU A 115 18.58 -0.85 25.02
CA GLU A 115 17.45 -0.09 24.56
C GLU A 115 17.16 0.95 25.64
N ILE A 116 16.85 2.18 25.23
CA ILE A 116 16.42 3.19 26.20
C ILE A 116 15.05 3.73 25.81
N ASN A 117 14.20 3.82 26.83
CA ASN A 117 12.99 4.60 26.78
C ASN A 117 13.40 6.06 26.77
N ILE A 118 12.76 6.86 25.94
CA ILE A 118 13.24 8.20 25.74
C ILE A 118 12.39 9.11 26.59
N ASN A 119 11.12 9.23 26.22
CA ASN A 119 10.18 10.13 26.88
C ASN A 119 8.79 9.50 26.84
N ASP A 120 8.04 9.72 27.92
CA ASP A 120 6.66 9.31 28.00
C ASP A 120 5.82 10.28 27.17
N ASN A 121 4.87 9.75 26.39
CA ASN A 121 3.83 10.52 25.69
C ASN A 121 4.31 11.04 24.33
N MET A 122 5.55 10.72 23.94
CA MET A 122 6.14 11.21 22.71
C MET A 122 6.85 10.04 22.04
N PRO A 123 6.07 9.07 21.51
CA PRO A 123 6.64 7.78 21.10
C PRO A 123 7.31 7.71 19.73
N ARG A 124 7.08 8.73 18.87
CA ARG A 124 7.61 8.65 17.52
C ARG A 124 9.04 9.22 17.50
N ILE A 125 10.06 8.34 17.42
CA ILE A 125 11.43 8.81 17.36
C ILE A 125 11.78 9.09 15.90
N LEU A 126 11.60 10.35 15.49
CA LEU A 126 11.53 10.77 14.10
C LEU A 126 12.91 11.01 13.56
N SER A 127 13.88 11.25 14.44
CA SER A 127 15.21 11.57 13.95
C SER A 127 16.26 11.29 15.04
N LEU A 128 17.41 10.85 14.57
CA LEU A 128 18.57 10.55 15.39
C LEU A 128 19.80 11.10 14.68
N ALA A 129 20.66 11.82 15.42
CA ALA A 129 21.91 12.33 14.86
C ALA A 129 23.04 12.11 15.86
N CYS A 130 24.05 11.35 15.44
CA CYS A 130 25.18 11.05 16.30
C CYS A 130 26.21 12.16 16.17
N SER A 131 26.74 12.65 17.30
CA SER A 131 27.72 13.71 17.22
C SER A 131 28.89 13.23 16.38
N PRO A 132 29.52 14.10 15.57
CA PRO A 132 30.85 13.80 15.01
C PRO A 132 31.88 13.29 16.02
N ASN A 133 31.89 13.88 17.24
CA ASN A 133 32.89 13.51 18.23
C ASN A 133 32.47 12.27 19.03
N GLY A 134 31.28 11.74 18.77
CA GLY A 134 30.93 10.41 19.25
C GLY A 134 30.33 10.43 20.66
N ALA A 135 30.40 11.59 21.33
CA ALA A 135 30.14 11.64 22.76
C ALA A 135 28.66 11.88 23.04
N SER A 136 27.87 12.25 22.02
CA SER A 136 26.47 12.52 22.24
C SER A 136 25.63 12.13 21.03
N PHE A 137 24.33 12.06 21.22
CA PHE A 137 23.44 11.98 20.09
C PHE A 137 22.23 12.82 20.38
N VAL A 138 21.65 13.29 19.29
CA VAL A 138 20.46 14.06 19.34
C VAL A 138 19.29 13.17 18.91
N CYS A 139 18.15 13.46 19.51
CA CYS A 139 17.00 12.61 19.41
C CYS A 139 15.78 13.51 19.24
N SER A 140 14.98 13.27 18.20
CA SER A 140 13.73 13.94 18.14
C SER A 140 12.61 12.96 18.45
N ALA A 141 11.72 13.35 19.37
CA ALA A 141 10.65 12.49 19.82
C ALA A 141 9.34 13.27 19.73
N ALA A 142 8.37 12.75 18.95
CA ALA A 142 7.12 13.46 18.71
C ALA A 142 5.91 12.70 19.27
N ALA A 143 4.82 13.46 19.52
CA ALA A 143 3.52 12.93 19.88
C ALA A 143 2.93 12.13 18.71
N PRO A 144 1.90 11.28 18.96
CA PRO A 144 1.20 10.60 17.87
C PRO A 144 0.70 11.60 16.84
N SER A 145 0.76 11.23 15.56
CA SER A 145 -0.03 11.90 14.53
C SER A 145 -1.49 11.92 14.97
N LEU A 146 -2.22 12.97 14.55
CA LEU A 146 -3.64 13.10 14.89
C LEU A 146 -4.46 12.08 14.10
N THR A 147 -5.63 11.72 14.66
CA THR A 147 -6.54 10.73 14.08
C THR A 147 -7.82 11.45 13.67
N MET A 162 -2.35 17.32 11.24
CA MET A 162 -2.17 15.84 11.29
C MET A 162 -0.81 15.51 11.91
N ASN A 163 0.26 16.01 11.29
CA ASN A 163 1.58 15.98 11.89
C ASN A 163 1.90 17.31 12.58
N GLN A 164 0.90 18.19 12.66
CA GLN A 164 0.99 19.39 13.47
C GLN A 164 0.70 19.01 14.92
N VAL A 165 1.71 18.42 15.57
CA VAL A 165 1.58 17.95 16.93
C VAL A 165 2.87 18.31 17.65
N PRO A 166 2.84 18.41 18.99
CA PRO A 166 4.05 18.73 19.73
C PRO A 166 5.16 17.68 19.56
N GLY A 167 6.39 18.12 19.78
CA GLY A 167 7.53 17.23 19.80
C GLY A 167 8.63 17.83 20.63
N ARG A 168 9.68 17.03 20.87
CA ARG A 168 10.80 17.48 21.67
C ARG A 168 12.08 17.11 20.95
N LEU A 169 13.13 17.88 21.25
CA LEU A 169 14.47 17.62 20.75
C LEU A 169 15.38 17.46 21.95
N LEU A 170 16.08 16.31 22.02
CA LEU A 170 16.75 15.88 23.22
C LEU A 170 18.21 15.56 22.90
N LEU A 171 19.11 15.85 23.86
CA LEU A 171 20.52 15.55 23.77
C LEU A 171 20.83 14.43 24.72
N TRP A 172 21.52 13.39 24.22
CA TRP A 172 21.81 12.21 25.01
C TRP A 172 23.31 11.92 25.03
N ASP A 173 23.80 11.54 26.19
CA ASP A 173 25.21 11.24 26.41
C ASP A 173 25.43 9.77 26.07
N THR A 174 26.36 9.49 25.15
CA THR A 174 26.56 8.13 24.63
C THR A 174 27.33 7.28 25.63
N LYS A 175 28.18 7.91 26.47
CA LYS A 175 28.91 7.19 27.48
C LYS A 175 27.93 6.50 28.43
N THR A 176 26.83 7.20 28.82
CA THR A 176 25.92 6.69 29.84
C THR A 176 24.53 6.40 29.26
N MET A 177 24.27 6.78 28.01
CA MET A 177 22.97 6.61 27.37
C MET A 177 21.83 7.13 28.28
N LYS A 178 22.04 8.35 28.78
CA LYS A 178 21.06 9.09 29.55
C LYS A 178 20.88 10.45 28.88
N GLN A 179 19.73 11.07 29.15
CA GLN A 179 19.41 12.39 28.63
C GLN A 179 20.26 13.45 29.34
N GLN A 180 20.93 14.28 28.54
CA GLN A 180 21.69 15.41 29.04
C GLN A 180 20.78 16.63 29.19
N LEU A 181 20.04 16.97 28.12
CA LEU A 181 19.14 18.10 28.20
C LEU A 181 18.06 18.02 27.12
N GLN A 182 17.03 18.84 27.33
CA GLN A 182 15.95 19.02 26.38
C GLN A 182 16.05 20.45 25.89
N PHE A 183 16.15 20.62 24.56
CA PHE A 183 16.23 21.95 23.98
C PHE A 183 14.85 22.61 24.01
N SER A 184 14.85 23.96 24.07
CA SER A 184 13.66 24.74 23.78
C SER A 184 13.30 24.68 22.30
N LEU A 185 11.99 24.70 22.02
CA LEU A 185 11.45 24.84 20.69
C LEU A 185 10.49 26.02 20.67
N ASP A 186 10.97 27.16 20.17
CA ASP A 186 10.12 28.33 20.02
C ASP A 186 9.49 28.26 18.62
N PRO A 187 8.23 28.74 18.44
CA PRO A 187 7.44 29.28 19.54
C PRO A 187 6.85 28.22 20.47
N GLU A 188 6.38 27.10 19.87
CA GLU A 188 5.71 26.02 20.59
C GLU A 188 6.37 24.68 20.24
N PRO A 189 6.31 23.68 21.13
CA PRO A 189 6.78 22.34 20.80
C PRO A 189 6.15 21.86 19.48
N ILE A 190 6.98 21.31 18.60
CA ILE A 190 6.49 20.72 17.37
C ILE A 190 7.37 19.54 16.98
N ALA A 191 6.82 18.68 16.11
CA ALA A 191 7.55 17.52 15.62
C ALA A 191 8.67 17.97 14.67
N ILE A 192 9.89 17.64 15.07
CA ILE A 192 11.08 17.76 14.26
C ILE A 192 11.29 16.46 13.47
N ASN A 193 11.42 16.58 12.16
CA ASN A 193 11.46 15.44 11.25
C ASN A 193 12.89 15.05 10.93
N CYS A 194 13.81 16.03 10.87
CA CYS A 194 15.12 15.76 10.32
C CYS A 194 16.16 16.58 11.09
N THR A 195 17.39 16.04 11.22
CA THR A 195 18.49 16.69 11.92
C THR A 195 19.78 16.39 11.18
N ALA A 196 20.75 17.32 11.25
CA ALA A 196 22.06 17.10 10.65
C ALA A 196 23.08 17.95 11.39
N PHE A 197 24.21 17.35 11.74
CA PHE A 197 25.34 18.04 12.35
C PHE A 197 26.21 18.64 11.25
N ASN A 198 26.96 19.71 11.58
CA ASN A 198 28.00 20.18 10.72
C ASN A 198 29.19 19.25 10.90
N HIS A 199 30.30 19.55 10.22
CA HIS A 199 31.48 18.67 10.20
C HIS A 199 32.08 18.48 11.61
N ASN A 200 32.19 19.54 12.42
CA ASN A 200 32.87 19.40 13.71
C ASN A 200 31.90 19.31 14.88
N GLY A 201 30.59 19.32 14.57
CA GLY A 201 29.58 18.93 15.55
C GLY A 201 29.18 20.07 16.49
N ASN A 202 29.59 21.31 16.17
CA ASN A 202 29.29 22.42 17.04
C ASN A 202 27.99 23.10 16.62
N LEU A 203 27.43 22.71 15.45
CA LEU A 203 26.16 23.23 14.98
C LEU A 203 25.29 22.06 14.57
N LEU A 204 23.97 22.23 14.78
CA LEU A 204 22.96 21.26 14.39
C LEU A 204 21.82 21.98 13.70
N VAL A 205 21.50 21.57 12.46
CA VAL A 205 20.35 22.10 11.73
C VAL A 205 19.20 21.09 11.76
N THR A 206 17.95 21.61 11.82
CA THR A 206 16.80 20.77 12.04
C THR A 206 15.64 21.29 11.20
N GLY A 207 14.74 20.40 10.81
CA GLY A 207 13.53 20.83 10.14
C GLY A 207 12.32 20.12 10.72
N ALA A 208 11.21 20.89 10.82
CA ALA A 208 10.03 20.49 11.58
C ALA A 208 8.81 20.38 10.67
N ALA A 209 7.75 19.81 11.26
CA ALA A 209 6.58 19.48 10.50
C ALA A 209 5.78 20.74 10.21
N ASP A 210 6.10 21.85 10.90
CA ASP A 210 5.43 23.11 10.66
C ASP A 210 6.19 23.94 9.61
N GLY A 211 7.22 23.36 9.00
CA GLY A 211 7.95 24.03 7.94
C GLY A 211 9.08 24.91 8.47
N VAL A 212 9.35 24.84 9.79
CA VAL A 212 10.33 25.71 10.40
C VAL A 212 11.69 25.01 10.49
N ILE A 213 12.74 25.76 10.15
CA ILE A 213 14.11 25.28 10.34
C ILE A 213 14.65 25.93 11.61
N ARG A 214 15.32 25.13 12.45
CA ARG A 214 16.03 25.67 13.59
C ARG A 214 17.49 25.21 13.57
N LEU A 215 18.39 26.17 13.77
CA LEU A 215 19.82 25.94 13.93
C LEU A 215 20.16 26.05 15.42
N PHE A 216 20.76 25.00 15.94
CA PHE A 216 21.19 24.95 17.32
C PHE A 216 22.71 25.07 17.38
N ASP A 217 23.17 25.93 18.28
CA ASP A 217 24.56 25.96 18.68
C ASP A 217 24.77 24.91 19.78
N MET A 218 25.71 24.00 19.55
CA MET A 218 25.84 22.87 20.43
C MET A 218 26.91 23.12 21.48
N GLN A 219 27.52 24.30 21.49
CA GLN A 219 28.43 24.65 22.57
C GLN A 219 27.63 25.18 23.77
N GLN A 220 26.64 26.04 23.48
CA GLN A 220 25.77 26.60 24.51
C GLN A 220 24.46 25.80 24.59
N HIS A 221 24.19 24.99 23.56
CA HIS A 221 23.03 24.09 23.52
C HIS A 221 21.74 24.90 23.50
N GLU A 222 21.68 25.91 22.62
CA GLU A 222 20.49 26.73 22.46
C GLU A 222 20.22 26.94 20.98
N CYS A 223 18.96 27.28 20.65
CA CYS A 223 18.57 27.73 19.32
C CYS A 223 19.18 29.11 19.00
N ALA A 224 20.05 29.15 17.98
CA ALA A 224 20.70 30.37 17.57
C ALA A 224 19.83 31.14 16.57
N MET A 225 19.00 30.40 15.83
CA MET A 225 18.43 30.89 14.58
C MET A 225 17.20 30.05 14.26
N SER A 226 16.11 30.68 13.85
CA SER A 226 14.95 29.95 13.35
C SER A 226 14.19 30.76 12.31
N TRP A 227 13.64 30.07 11.31
CA TRP A 227 12.90 30.75 10.26
C TRP A 227 11.95 29.76 9.57
N ARG A 228 10.89 30.32 9.00
CA ARG A 228 9.91 29.56 8.23
C ARG A 228 10.53 29.24 6.88
N ALA A 229 10.71 27.95 6.59
CA ALA A 229 11.47 27.56 5.43
C ALA A 229 10.57 27.01 4.32
N HIS A 230 9.59 26.16 4.68
CA HIS A 230 8.71 25.52 3.72
C HIS A 230 7.26 25.80 4.08
N TYR A 231 6.40 25.79 3.06
CA TYR A 231 4.97 25.68 3.26
C TYR A 231 4.63 24.19 3.34
N GLY A 232 4.34 23.72 4.56
CA GLY A 232 4.28 22.31 4.84
C GLY A 232 5.58 21.85 5.48
N GLU A 233 5.80 20.52 5.51
CA GLU A 233 6.82 19.89 6.34
C GLU A 233 8.22 20.03 5.72
N VAL A 234 9.24 20.18 6.57
CA VAL A 234 10.61 20.00 6.15
C VAL A 234 10.96 18.52 6.25
N TYR A 235 11.57 17.98 5.19
CA TYR A 235 11.82 16.56 5.09
C TYR A 235 13.30 16.25 5.27
N SER A 236 14.17 17.07 4.70
CA SER A 236 15.60 16.86 4.86
C SER A 236 16.32 18.20 4.94
N VAL A 237 17.45 18.20 5.67
CA VAL A 237 18.32 19.36 5.80
C VAL A 237 19.75 18.88 5.74
N GLU A 238 20.67 19.80 5.40
CA GLU A 238 22.08 19.50 5.25
C GLU A 238 22.86 20.81 5.26
N PHE A 239 24.09 20.78 5.80
CA PHE A 239 25.04 21.87 5.66
C PHE A 239 25.71 21.78 4.29
N SER A 240 25.88 22.93 3.63
CA SER A 240 26.76 23.04 2.49
C SER A 240 28.17 22.64 2.92
N TYR A 241 29.02 22.34 1.95
CA TYR A 241 30.38 21.92 2.25
C TYR A 241 31.16 23.03 2.98
N ASP A 242 30.99 24.30 2.58
CA ASP A 242 31.71 25.39 3.22
C ASP A 242 31.03 25.79 4.53
N GLU A 243 29.75 25.43 4.69
CA GLU A 243 28.98 25.67 5.91
C GLU A 243 28.57 27.14 6.00
N ASN A 244 28.57 27.84 4.85
CA ASN A 244 27.98 29.17 4.75
C ASN A 244 26.47 29.08 4.57
N THR A 245 25.97 27.97 4.04
CA THR A 245 24.54 27.83 3.83
C THR A 245 24.08 26.48 4.33
N VAL A 246 22.75 26.36 4.49
CA VAL A 246 22.15 25.06 4.67
C VAL A 246 21.10 24.86 3.56
N TYR A 247 20.91 23.59 3.21
CA TYR A 247 19.97 23.16 2.18
C TYR A 247 18.79 22.47 2.84
N SER A 248 17.59 22.72 2.33
CA SER A 248 16.43 22.00 2.79
C SER A 248 15.60 21.54 1.59
N ILE A 249 14.76 20.54 1.83
CA ILE A 249 13.75 20.10 0.88
C ILE A 249 12.48 19.81 1.68
N GLY A 250 11.32 20.14 1.11
CA GLY A 250 10.10 20.15 1.87
C GLY A 250 8.86 19.84 1.05
N GLU A 251 7.73 19.88 1.76
CA GLU A 251 6.46 19.37 1.26
C GLU A 251 5.95 20.19 0.08
N ASP A 252 6.31 21.48 0.04
CA ASP A 252 5.93 22.38 -1.05
C ASP A 252 6.70 22.06 -2.33
N GLY A 253 7.64 21.11 -2.28
CA GLY A 253 8.30 20.58 -3.47
C GLY A 253 9.59 21.34 -3.80
N LYS A 254 10.03 22.25 -2.89
CA LYS A 254 11.17 23.11 -3.15
C LYS A 254 12.44 22.58 -2.50
N PHE A 255 13.57 22.83 -3.21
CA PHE A 255 14.92 22.76 -2.68
C PHE A 255 15.37 24.19 -2.47
N ILE A 256 15.82 24.50 -1.26
CA ILE A 256 16.13 25.88 -0.92
C ILE A 256 17.50 25.92 -0.23
N GLN A 257 18.27 26.93 -0.54
CA GLN A 257 19.55 27.14 0.12
C GLN A 257 19.43 28.41 0.99
N TRP A 258 19.88 28.31 2.24
CA TRP A 258 19.71 29.38 3.21
C TRP A 258 21.06 29.88 3.74
N ASN A 259 21.16 31.19 3.93
CA ASN A 259 22.38 31.79 4.43
C ASN A 259 22.36 31.76 5.95
N ILE A 260 23.19 30.92 6.58
CA ILE A 260 23.22 30.86 8.03
C ILE A 260 24.24 31.83 8.62
N HIS A 261 24.64 32.86 7.86
CA HIS A 261 25.33 34.00 8.44
C HIS A 261 24.34 35.16 8.54
N LYS A 262 23.40 35.21 7.58
CA LYS A 262 22.45 36.31 7.51
C LYS A 262 21.08 35.79 7.94
N SER A 263 21.05 35.10 9.08
CA SER A 263 19.82 34.74 9.77
C SER A 263 18.80 34.07 8.83
N GLY A 264 19.25 33.06 8.07
CA GLY A 264 18.37 32.25 7.21
C GLY A 264 17.61 33.08 6.17
N LEU A 265 18.30 34.04 5.53
CA LEU A 265 17.82 34.61 4.28
C LEU A 265 18.11 33.67 3.11
N LYS A 266 17.17 33.61 2.16
CA LYS A 266 17.29 32.68 1.06
C LYS A 266 18.49 33.06 0.20
N VAL A 267 19.29 32.06 -0.17
CA VAL A 267 20.33 32.26 -1.15
C VAL A 267 19.82 31.87 -2.54
N SER A 268 19.14 30.73 -2.61
CA SER A 268 18.62 30.23 -3.87
C SER A 268 17.52 29.20 -3.59
N GLU A 269 16.70 28.96 -4.62
CA GLU A 269 15.48 28.19 -4.48
C GLU A 269 15.15 27.56 -5.83
N TYR A 270 14.64 26.33 -5.80
CA TYR A 270 14.27 25.60 -7.00
C TYR A 270 13.06 24.70 -6.71
N SER A 271 12.16 24.63 -7.69
CA SER A 271 11.01 23.75 -7.66
C SER A 271 11.39 22.43 -8.32
N LEU A 272 11.55 21.37 -7.51
CA LEU A 272 11.88 20.06 -8.05
C LEU A 272 10.64 19.42 -8.63
N PRO A 273 10.77 18.42 -9.51
CA PRO A 273 9.62 17.68 -9.99
C PRO A 273 8.96 17.03 -8.78
N SER A 274 7.66 16.76 -8.89
CA SER A 274 6.85 16.37 -7.74
C SER A 274 7.26 14.98 -7.26
N ASP A 275 7.88 14.18 -8.13
CA ASP A 275 8.33 12.85 -7.73
C ASP A 275 9.65 12.89 -6.92
N ALA A 276 10.20 14.08 -6.68
CA ALA A 276 11.33 14.20 -5.77
C ALA A 276 10.86 14.25 -4.32
N THR A 277 9.63 14.70 -4.09
CA THR A 277 9.10 14.90 -2.75
C THR A 277 7.79 14.14 -2.50
N GLY A 278 7.17 13.56 -3.53
CA GLY A 278 6.06 12.66 -3.28
C GLY A 278 4.76 13.42 -3.03
N PRO A 279 3.69 12.80 -2.47
CA PRO A 279 3.73 11.41 -2.00
C PRO A 279 4.08 10.42 -3.09
N PHE A 280 4.74 9.32 -2.70
CA PHE A 280 5.18 8.31 -3.65
C PHE A 280 4.12 7.22 -3.71
N VAL A 281 3.71 6.84 -4.93
CA VAL A 281 2.53 6.00 -5.16
C VAL A 281 2.91 4.88 -6.13
N LEU A 282 2.74 3.63 -5.70
CA LEU A 282 2.81 2.43 -6.54
C LEU A 282 1.42 1.83 -6.68
N SER A 283 0.82 1.97 -7.87
CA SER A 283 -0.52 1.49 -8.18
C SER A 283 -0.45 0.18 -8.93
N GLY A 284 -1.37 -0.72 -8.61
CA GLY A 284 -1.65 -1.88 -9.44
C GLY A 284 -2.96 -1.71 -10.21
N TYR A 285 -3.29 -2.73 -11.00
CA TYR A 285 -4.52 -2.73 -11.76
C TYR A 285 -5.67 -3.20 -10.87
N SER A 286 -5.39 -3.37 -9.57
CA SER A 286 -6.31 -4.06 -8.66
C SER A 286 -7.35 -3.10 -8.07
N GLY A 287 -7.12 -1.78 -8.21
CA GLY A 287 -7.81 -0.79 -7.38
C GLY A 287 -7.15 -0.72 -5.99
N TYR A 288 -5.88 -1.19 -6.00
CA TYR A 288 -5.01 -1.24 -4.83
C TYR A 288 -3.83 -0.34 -5.09
N LYS A 289 -3.35 0.35 -4.05
CA LYS A 289 -2.15 1.14 -4.17
C LYS A 289 -1.46 1.29 -2.81
N GLN A 290 -0.17 1.55 -2.89
CA GLN A 290 0.64 1.91 -1.75
C GLN A 290 1.03 3.38 -1.90
N VAL A 291 0.96 4.11 -0.77
CA VAL A 291 1.28 5.53 -0.72
C VAL A 291 2.28 5.75 0.43
N GLN A 292 3.47 6.33 0.11
CA GLN A 292 4.48 6.63 1.13
C GLN A 292 4.82 8.12 1.13
N VAL A 293 4.75 8.74 2.31
CA VAL A 293 5.24 10.11 2.47
C VAL A 293 6.72 10.04 2.85
N PRO A 294 7.54 11.06 2.49
CA PRO A 294 8.95 11.05 2.83
C PRO A 294 9.15 10.74 4.31
N ARG A 295 10.18 9.97 4.60
CA ARG A 295 10.56 9.70 5.98
C ARG A 295 12.09 9.68 6.07
N GLY A 296 12.73 8.96 5.17
CA GLY A 296 14.18 8.93 5.12
C GLY A 296 14.73 10.08 4.29
N ARG A 297 16.05 10.13 4.16
N ARG A 297 16.05 10.12 4.13
CA ARG A 297 16.69 11.20 3.44
CA ARG A 297 16.72 11.20 3.42
C ARG A 297 16.13 11.28 2.01
C ARG A 297 16.24 11.29 1.97
N LEU A 298 15.90 12.51 1.55
CA LEU A 298 15.37 12.77 0.21
C LEU A 298 16.46 13.31 -0.70
N PHE A 299 17.60 13.71 -0.13
CA PHE A 299 18.70 14.17 -0.96
C PHE A 299 20.01 13.73 -0.36
N ALA A 300 21.07 13.68 -1.20
CA ALA A 300 22.40 13.33 -0.76
C ALA A 300 23.41 14.02 -1.67
N PHE A 301 24.66 14.16 -1.22
CA PHE A 301 25.66 14.98 -1.87
C PHE A 301 26.93 14.18 -2.09
N ASP A 302 27.70 14.59 -3.09
CA ASP A 302 29.07 14.12 -3.29
C ASP A 302 29.99 14.72 -2.22
N SER A 303 31.24 14.26 -2.15
CA SER A 303 32.09 14.59 -1.00
C SER A 303 32.37 16.08 -0.94
N GLU A 304 32.36 16.76 -2.09
CA GLU A 304 32.71 18.17 -2.15
C GLU A 304 31.44 19.05 -2.09
N GLY A 305 30.26 18.43 -2.08
CA GLY A 305 29.01 19.17 -2.12
C GLY A 305 28.85 20.02 -3.40
N ASN A 306 29.30 19.50 -4.54
CA ASN A 306 29.06 20.14 -5.82
C ASN A 306 27.87 19.51 -6.54
N TYR A 307 27.46 18.31 -6.14
CA TYR A 307 26.37 17.61 -6.82
C TYR A 307 25.40 17.08 -5.79
N MET A 308 24.16 16.82 -6.23
CA MET A 308 23.09 16.43 -5.36
C MET A 308 22.25 15.37 -6.06
N LEU A 309 22.04 14.25 -5.34
CA LEU A 309 21.16 13.17 -5.73
C LEU A 309 19.77 13.38 -5.12
N THR A 310 18.73 13.13 -5.95
CA THR A 310 17.34 13.21 -5.55
C THR A 310 16.61 11.96 -6.04
N CYS A 311 15.39 11.82 -5.54
CA CYS A 311 14.49 10.73 -5.91
C CYS A 311 13.80 11.04 -7.24
N SER A 312 13.38 9.99 -7.96
CA SER A 312 12.40 10.12 -9.04
C SER A 312 11.68 8.79 -9.23
N ALA A 313 10.64 8.78 -10.08
CA ALA A 313 9.82 7.59 -10.26
C ALA A 313 10.65 6.42 -10.77
N THR A 314 11.76 6.77 -11.45
N THR A 314 11.73 6.66 -11.52
CA THR A 314 12.48 5.83 -12.30
CA THR A 314 12.43 5.54 -12.10
C THR A 314 13.89 5.59 -11.77
C THR A 314 13.91 5.55 -11.73
N GLY A 315 14.30 6.37 -10.76
CA GLY A 315 15.61 6.24 -10.17
C GLY A 315 16.13 7.58 -9.66
N GLY A 316 17.44 7.61 -9.36
CA GLY A 316 18.06 8.81 -8.83
C GLY A 316 18.25 9.82 -9.93
N VAL A 317 18.13 11.11 -9.59
CA VAL A 317 18.44 12.19 -10.49
C VAL A 317 19.46 13.06 -9.78
N ILE A 318 20.55 13.33 -10.47
CA ILE A 318 21.64 14.12 -9.93
C ILE A 318 21.64 15.48 -10.60
N TYR A 319 21.75 16.54 -9.77
CA TYR A 319 21.90 17.90 -10.23
C TYR A 319 23.29 18.41 -9.84
N LYS A 320 23.80 19.34 -10.65
CA LYS A 320 24.94 20.16 -10.29
C LYS A 320 24.43 21.36 -9.51
N LEU A 321 24.99 21.58 -8.32
CA LEU A 321 24.69 22.76 -7.51
C LEU A 321 25.37 23.98 -8.14
N GLY A 322 24.63 25.10 -8.20
CA GLY A 322 25.04 26.28 -8.96
C GLY A 322 26.22 26.98 -8.33
N LEU A 328 21.19 25.83 -10.90
CA LEU A 328 20.98 24.37 -10.61
C LEU A 328 20.47 23.69 -11.86
N GLU A 329 21.26 22.73 -12.37
CA GLU A 329 20.93 22.09 -13.63
C GLU A 329 21.07 20.58 -13.49
N SER A 330 20.21 19.88 -14.22
CA SER A 330 20.22 18.44 -14.29
C SER A 330 21.55 17.99 -14.89
N CYS A 331 22.04 16.86 -14.40
CA CYS A 331 23.34 16.37 -14.74
C CYS A 331 23.13 14.95 -15.27
N LEU A 332 22.49 14.08 -14.46
CA LEU A 332 22.40 12.65 -14.77
C LEU A 332 21.15 12.01 -14.14
N SER A 333 20.46 11.16 -14.93
CA SER A 333 19.39 10.28 -14.46
C SER A 333 19.92 8.86 -14.40
N LEU A 334 19.93 8.23 -13.20
CA LEU A 334 20.61 6.94 -13.04
C LEU A 334 19.71 5.80 -13.47
N GLY A 335 18.39 5.98 -13.40
CA GLY A 335 17.45 4.94 -13.81
C GLY A 335 17.57 3.67 -12.97
N GLY A 336 16.93 2.60 -13.46
CA GLY A 336 17.16 1.25 -12.98
C GLY A 336 16.08 0.79 -12.01
N HIS A 337 15.02 1.58 -11.82
CA HIS A 337 13.94 1.23 -10.90
C HIS A 337 12.59 1.11 -11.62
N ARG A 338 11.81 0.09 -11.25
CA ARG A 338 10.48 -0.14 -11.82
C ARG A 338 9.40 0.32 -10.84
N ALA A 339 9.79 0.84 -9.68
CA ALA A 339 8.86 1.48 -8.77
C ALA A 339 9.51 2.75 -8.23
N PRO A 340 8.73 3.72 -7.72
CA PRO A 340 9.27 5.02 -7.34
C PRO A 340 10.38 4.93 -6.30
N VAL A 341 11.42 5.77 -6.48
CA VAL A 341 12.48 5.89 -5.49
C VAL A 341 11.99 6.84 -4.40
N VAL A 342 12.16 6.43 -3.13
CA VAL A 342 11.65 7.18 -2.01
C VAL A 342 12.75 7.66 -1.06
N THR A 343 13.96 7.12 -1.16
CA THR A 343 15.08 7.59 -0.33
C THR A 343 16.39 7.26 -1.04
N VAL A 344 17.41 8.07 -0.74
CA VAL A 344 18.71 7.97 -1.38
C VAL A 344 19.81 8.17 -0.35
N ASP A 345 21.01 7.80 -0.74
CA ASP A 345 22.19 8.16 -0.01
C ASP A 345 23.32 8.28 -1.00
N TRP A 346 24.39 8.96 -0.60
CA TRP A 346 25.59 9.08 -1.41
C TRP A 346 26.82 9.08 -0.47
N SER A 347 27.70 8.12 -0.65
CA SER A 347 28.91 7.99 0.14
C SER A 347 30.15 8.04 -0.77
N THR A 348 31.22 8.73 -0.34
CA THR A 348 32.49 8.70 -1.04
C THR A 348 33.54 8.18 -0.08
N ALA A 349 34.21 7.10 -0.50
CA ALA A 349 35.42 6.63 0.13
C ALA A 349 36.40 6.22 -0.95
N MET A 350 37.70 6.47 -0.68
CA MET A 350 38.77 6.19 -1.63
C MET A 350 38.52 7.00 -2.90
N ASP A 351 37.94 8.20 -2.72
CA ASP A 351 37.53 9.06 -3.82
C ASP A 351 36.85 8.22 -4.91
N CYS A 352 35.95 7.32 -4.49
CA CYS A 352 34.95 6.78 -5.40
C CYS A 352 33.59 6.94 -4.75
N GLY A 353 32.61 7.38 -5.55
CA GLY A 353 31.27 7.62 -5.06
C GLY A 353 30.40 6.36 -5.20
N THR A 354 29.55 6.13 -4.21
CA THR A 354 28.47 5.14 -4.26
C THR A 354 27.15 5.85 -4.00
N CYS A 355 26.23 5.75 -4.96
CA CYS A 355 24.88 6.31 -4.82
C CYS A 355 23.90 5.16 -4.52
N LEU A 356 23.12 5.28 -3.44
CA LEU A 356 22.05 4.35 -3.12
C LEU A 356 20.73 4.97 -3.54
N THR A 357 19.94 4.22 -4.34
CA THR A 357 18.57 4.60 -4.63
C THR A 357 17.65 3.43 -4.25
N ALA A 358 16.56 3.72 -3.52
CA ALA A 358 15.76 2.68 -2.87
C ALA A 358 14.29 2.93 -3.19
N SER A 359 13.59 1.87 -3.66
CA SER A 359 12.26 2.03 -4.25
C SER A 359 11.15 1.26 -3.50
N MET A 360 9.90 1.49 -3.89
CA MET A 360 8.74 1.06 -3.13
C MET A 360 8.48 -0.42 -3.28
N ASP A 361 9.20 -1.07 -4.20
CA ASP A 361 9.17 -2.51 -4.38
C ASP A 361 10.25 -3.20 -3.54
N GLY A 362 11.05 -2.42 -2.79
CA GLY A 362 12.03 -2.99 -1.88
C GLY A 362 13.42 -3.11 -2.52
N LYS A 363 13.55 -2.73 -3.80
CA LYS A 363 14.81 -2.85 -4.49
C LYS A 363 15.71 -1.67 -4.11
N ILE A 364 17.00 -1.95 -3.93
CA ILE A 364 17.99 -0.91 -3.75
C ILE A 364 19.06 -1.04 -4.83
N LYS A 365 19.22 0.03 -5.62
CA LYS A 365 20.27 0.09 -6.63
C LYS A 365 21.47 0.80 -6.04
N LEU A 366 22.63 0.31 -6.42
CA LEU A 366 23.92 0.81 -6.00
C LEU A 366 24.65 1.21 -7.27
N THR A 367 24.84 2.52 -7.46
CA THR A 367 25.49 3.03 -8.65
C THR A 367 26.86 3.60 -8.24
N THR A 368 27.91 3.12 -8.90
CA THR A 368 29.28 3.51 -8.58
C THR A 368 29.68 4.67 -9.49
N LEU A 369 30.04 5.81 -8.88
CA LEU A 369 30.49 6.98 -9.63
C LEU A 369 31.94 7.29 -9.28
N LEU A 370 32.78 7.44 -10.30
CA LEU A 370 34.10 8.04 -10.14
C LEU A 370 34.12 9.39 -10.88
N ALA A 371 34.43 10.47 -10.15
CA ALA A 371 34.78 11.74 -10.76
C ALA A 371 35.91 11.51 -11.78
N HIS A 372 35.60 11.75 -13.07
CA HIS A 372 36.41 11.26 -14.19
C HIS A 372 37.90 11.48 -13.90
N GLN B 21 -29.76 -14.63 18.60
CA GLN B 21 -28.76 -15.21 17.66
C GLN B 21 -29.47 -16.19 16.72
N PRO B 22 -29.55 -15.90 15.41
CA PRO B 22 -30.08 -16.86 14.44
C PRO B 22 -29.08 -17.94 14.03
N PHE B 23 -27.78 -17.64 14.20
CA PHE B 23 -26.70 -18.59 13.99
C PHE B 23 -25.89 -18.68 15.27
N ILE B 24 -25.30 -19.87 15.50
CA ILE B 24 -24.16 -19.99 16.39
C ILE B 24 -22.89 -20.18 15.54
N VAL B 25 -21.82 -19.45 15.95
CA VAL B 25 -20.49 -19.68 15.45
C VAL B 25 -19.94 -20.96 16.07
N LEU B 26 -19.75 -21.99 15.24
CA LEU B 26 -19.12 -23.23 15.67
C LEU B 26 -17.64 -22.96 15.89
N GLY B 27 -16.98 -22.40 14.88
CA GLY B 27 -15.56 -22.11 14.96
C GLY B 27 -15.11 -21.22 13.83
N GLN B 28 -13.87 -20.75 13.96
CA GLN B 28 -13.22 -19.96 12.94
C GLN B 28 -11.81 -20.52 12.76
N GLU B 29 -11.40 -20.73 11.49
CA GLU B 29 -10.03 -21.14 11.16
C GLU B 29 -9.47 -20.19 10.12
N GLU B 30 -8.15 -20.24 9.91
CA GLU B 30 -7.46 -19.22 9.16
C GLU B 30 -6.58 -19.87 8.09
N TYR B 31 -6.73 -19.40 6.87
CA TYR B 31 -5.82 -19.73 5.80
C TYR B 31 -4.91 -18.54 5.61
N GLY B 32 -3.60 -18.77 5.63
CA GLY B 32 -2.58 -17.73 5.73
C GLY B 32 -1.52 -17.86 4.63
N GLU B 33 -1.89 -18.50 3.51
CA GLU B 33 -0.91 -18.85 2.50
C GLU B 33 -0.65 -17.65 1.57
N HIS B 34 -1.56 -16.68 1.58
CA HIS B 34 -1.34 -15.45 0.81
C HIS B 34 -0.55 -14.46 1.67
N HIS B 35 0.43 -13.78 1.04
CA HIS B 35 1.26 -12.81 1.77
C HIS B 35 1.01 -11.40 1.26
N SER B 36 -0.12 -11.19 0.59
CA SER B 36 -0.53 -9.88 0.14
C SER B 36 -2.04 -9.76 0.26
N SER B 37 -2.54 -8.53 0.17
CA SER B 37 -3.95 -8.28 0.36
C SER B 37 -4.78 -9.13 -0.60
N ILE B 38 -5.90 -9.62 -0.10
CA ILE B 38 -6.76 -10.47 -0.89
C ILE B 38 -7.60 -9.58 -1.81
N MET B 39 -7.81 -10.05 -3.05
CA MET B 39 -8.71 -9.42 -4.01
C MET B 39 -10.05 -10.17 -4.11
N HIS B 40 -10.00 -11.48 -4.33
CA HIS B 40 -11.19 -12.30 -4.42
C HIS B 40 -11.01 -13.58 -3.61
N CYS B 41 -12.11 -14.05 -3.00
CA CYS B 41 -12.15 -15.41 -2.49
C CYS B 41 -13.57 -15.94 -2.69
N ARG B 42 -13.66 -17.11 -3.30
CA ARG B 42 -14.94 -17.68 -3.69
C ARG B 42 -14.93 -19.18 -3.45
N VAL B 43 -16.01 -19.66 -2.84
CA VAL B 43 -16.20 -21.08 -2.64
C VAL B 43 -16.71 -21.68 -3.95
N ASP B 44 -16.24 -22.89 -4.26
CA ASP B 44 -16.63 -23.59 -5.48
C ASP B 44 -18.09 -24.04 -5.39
N CYS B 45 -18.57 -24.68 -6.46
CA CYS B 45 -19.98 -25.07 -6.54
C CYS B 45 -20.22 -26.34 -5.73
N SER B 46 -19.18 -27.13 -5.47
CA SER B 46 -19.27 -28.27 -4.57
C SER B 46 -19.43 -27.85 -3.10
N GLY B 47 -19.05 -26.62 -2.77
CA GLY B 47 -19.12 -26.13 -1.40
C GLY B 47 -17.99 -26.68 -0.54
N ARG B 48 -16.89 -27.11 -1.18
CA ARG B 48 -15.83 -27.80 -0.43
C ARG B 48 -14.47 -27.15 -0.68
N ARG B 49 -14.38 -26.25 -1.67
CA ARG B 49 -13.10 -25.72 -2.13
C ARG B 49 -13.18 -24.19 -2.18
N VAL B 50 -12.04 -23.52 -1.96
CA VAL B 50 -11.94 -22.10 -2.14
C VAL B 50 -10.94 -21.79 -3.25
N ALA B 51 -11.27 -20.76 -4.05
CA ALA B 51 -10.26 -20.08 -4.84
C ALA B 51 -10.13 -18.66 -4.35
N SER B 52 -8.87 -18.32 -4.05
CA SER B 52 -8.50 -17.01 -3.58
C SER B 52 -7.35 -16.46 -4.42
N LEU B 53 -7.43 -15.15 -4.66
CA LEU B 53 -6.50 -14.39 -5.45
C LEU B 53 -6.10 -13.12 -4.68
N ASP B 54 -4.81 -12.85 -4.62
CA ASP B 54 -4.31 -11.66 -3.93
C ASP B 54 -3.84 -10.64 -4.98
N VAL B 55 -3.41 -9.46 -4.50
CA VAL B 55 -3.11 -8.32 -5.36
C VAL B 55 -1.74 -8.48 -6.02
N ASP B 56 -1.00 -9.52 -5.62
CA ASP B 56 0.26 -9.87 -6.27
C ASP B 56 0.06 -10.99 -7.28
N GLY B 57 -1.20 -11.33 -7.59
CA GLY B 57 -1.48 -12.27 -8.66
C GLY B 57 -1.32 -13.73 -8.24
N VAL B 58 -1.15 -14.01 -6.95
CA VAL B 58 -1.09 -15.38 -6.48
C VAL B 58 -2.51 -15.96 -6.39
N ILE B 59 -2.71 -17.15 -6.99
CA ILE B 59 -3.94 -17.93 -6.89
C ILE B 59 -3.70 -19.11 -5.95
N LYS B 60 -4.61 -19.31 -5.00
CA LYS B 60 -4.61 -20.55 -4.23
C LYS B 60 -5.99 -21.21 -4.35
N VAL B 61 -5.95 -22.53 -4.53
CA VAL B 61 -7.12 -23.37 -4.45
C VAL B 61 -6.93 -24.31 -3.28
N TRP B 62 -7.90 -24.32 -2.38
CA TRP B 62 -7.74 -25.02 -1.13
C TRP B 62 -9.05 -25.57 -0.61
N SER B 63 -8.95 -26.76 -0.02
CA SER B 63 -10.03 -27.46 0.64
C SER B 63 -10.09 -27.01 2.11
N PHE B 64 -11.20 -27.33 2.77
CA PHE B 64 -11.37 -26.96 4.18
C PHE B 64 -12.26 -27.96 4.93
N ASN B 65 -12.76 -29.01 4.26
CA ASN B 65 -13.70 -29.90 4.92
C ASN B 65 -13.32 -31.34 4.58
N PRO B 66 -12.77 -32.12 5.53
CA PRO B 66 -12.72 -31.78 6.96
C PRO B 66 -11.55 -30.97 7.51
N ILE B 67 -10.57 -30.65 6.66
CA ILE B 67 -9.36 -29.97 7.10
C ILE B 67 -8.89 -29.05 5.99
N MET B 68 -8.02 -28.09 6.37
CA MET B 68 -7.55 -27.06 5.49
C MET B 68 -6.28 -27.55 4.78
N GLN B 69 -6.31 -27.67 3.46
CA GLN B 69 -5.10 -28.02 2.72
C GLN B 69 -5.12 -27.43 1.31
N THR B 70 -3.94 -27.05 0.84
CA THR B 70 -3.78 -26.37 -0.43
C THR B 70 -3.69 -27.40 -1.55
N LYS B 71 -4.55 -27.27 -2.56
CA LYS B 71 -4.61 -28.20 -3.66
C LYS B 71 -3.78 -27.67 -4.84
N ALA B 72 -3.80 -26.37 -5.04
CA ALA B 72 -3.09 -25.77 -6.15
C ALA B 72 -2.69 -24.35 -5.84
N SER B 73 -1.55 -23.95 -6.39
CA SER B 73 -0.94 -22.67 -6.12
C SER B 73 -0.13 -22.22 -7.34
N SER B 74 -0.33 -20.99 -7.76
CA SER B 74 0.29 -20.47 -8.97
C SER B 74 0.39 -18.95 -8.87
N ILE B 75 1.44 -18.39 -9.47
CA ILE B 75 1.59 -16.95 -9.55
C ILE B 75 1.38 -16.53 -11.01
N SER B 76 0.43 -15.63 -11.22
CA SER B 76 0.14 -15.12 -12.55
C SER B 76 1.17 -14.07 -12.95
N LYS B 77 1.74 -14.24 -14.15
CA LYS B 77 2.60 -13.22 -14.75
C LYS B 77 1.76 -12.00 -15.08
N SER B 78 0.67 -12.22 -15.83
CA SER B 78 -0.26 -11.16 -16.17
C SER B 78 -1.05 -10.71 -14.94
N PRO B 79 -1.40 -9.42 -14.83
CA PRO B 79 -2.35 -8.97 -13.80
C PRO B 79 -3.72 -9.63 -13.95
N LEU B 80 -4.34 -10.01 -12.81
CA LEU B 80 -5.67 -10.62 -12.79
C LEU B 80 -6.64 -9.71 -12.02
N LEU B 81 -7.89 -9.65 -12.50
CA LEU B 81 -8.88 -8.70 -12.02
C LEU B 81 -10.17 -9.40 -11.56
N SER B 82 -10.50 -10.56 -12.13
CA SER B 82 -11.76 -11.21 -11.83
C SER B 82 -11.60 -12.73 -11.79
N LEU B 83 -12.49 -13.40 -11.06
CA LEU B 83 -12.35 -14.80 -10.73
C LEU B 83 -13.76 -15.38 -10.60
N GLU B 84 -14.02 -16.47 -11.31
CA GLU B 84 -15.37 -17.03 -11.34
C GLU B 84 -15.28 -18.55 -11.53
N TRP B 85 -15.82 -19.31 -10.55
CA TRP B 85 -15.96 -20.74 -10.68
C TRP B 85 -16.98 -21.11 -11.76
N ALA B 86 -16.68 -22.18 -12.51
CA ALA B 86 -17.67 -22.81 -13.38
C ALA B 86 -18.80 -23.44 -12.55
N THR B 87 -20.00 -23.49 -13.12
CA THR B 87 -21.17 -23.92 -12.38
C THR B 87 -21.42 -25.40 -12.61
N LYS B 88 -20.98 -25.95 -13.76
CA LYS B 88 -21.26 -27.34 -14.09
C LYS B 88 -19.97 -28.09 -14.43
N ARG B 89 -18.81 -27.49 -14.15
CA ARG B 89 -17.57 -28.24 -14.08
C ARG B 89 -16.84 -27.81 -12.80
N ASP B 90 -17.06 -28.57 -11.72
CA ASP B 90 -16.65 -28.19 -10.37
C ASP B 90 -15.22 -27.62 -10.38
N ARG B 91 -14.33 -28.29 -11.10
CA ARG B 91 -12.90 -28.08 -10.99
C ARG B 91 -12.40 -26.95 -11.92
N LEU B 92 -13.29 -26.32 -12.69
CA LEU B 92 -12.86 -25.31 -13.65
C LEU B 92 -13.02 -23.92 -13.05
N LEU B 93 -12.00 -23.08 -13.28
CA LEU B 93 -12.00 -21.72 -12.77
C LEU B 93 -11.70 -20.76 -13.91
N LEU B 94 -12.56 -19.76 -14.07
CA LEU B 94 -12.33 -18.71 -15.05
C LEU B 94 -11.62 -17.55 -14.37
N LEU B 95 -10.63 -16.98 -15.07
CA LEU B 95 -9.81 -15.88 -14.59
C LEU B 95 -9.82 -14.77 -15.63
N GLY B 96 -10.25 -13.58 -15.20
CA GLY B 96 -10.23 -12.41 -16.06
C GLY B 96 -8.97 -11.59 -15.82
N SER B 97 -8.27 -11.21 -16.91
CA SER B 97 -7.00 -10.52 -16.78
C SER B 97 -7.20 -9.01 -16.92
N GLY B 98 -6.09 -8.28 -16.73
CA GLY B 98 -6.03 -6.87 -17.06
C GLY B 98 -5.33 -6.66 -18.40
N VAL B 99 -5.11 -7.73 -19.16
CA VAL B 99 -4.58 -7.60 -20.50
C VAL B 99 -5.54 -8.26 -21.48
N GLY B 100 -6.84 -8.05 -21.26
CA GLY B 100 -7.86 -8.38 -22.24
C GLY B 100 -7.92 -9.87 -22.52
N THR B 101 -7.85 -10.70 -21.48
CA THR B 101 -7.81 -12.14 -21.66
C THR B 101 -8.65 -12.79 -20.58
N VAL B 102 -9.21 -13.96 -20.91
CA VAL B 102 -9.84 -14.84 -19.95
C VAL B 102 -9.17 -16.20 -20.01
N ARG B 103 -8.90 -16.82 -18.84
CA ARG B 103 -8.19 -18.09 -18.78
C ARG B 103 -9.06 -19.14 -18.07
N LEU B 104 -9.12 -20.33 -18.67
CA LEU B 104 -9.82 -21.47 -18.09
C LEU B 104 -8.80 -22.35 -17.38
N TYR B 105 -8.88 -22.36 -16.05
CA TYR B 105 -7.89 -23.04 -15.23
C TYR B 105 -8.52 -24.29 -14.64
N ASP B 106 -7.84 -25.41 -14.85
CA ASP B 106 -8.29 -26.70 -14.34
C ASP B 106 -7.57 -26.97 -13.02
N THR B 107 -8.26 -26.66 -11.92
CA THR B 107 -7.70 -26.76 -10.58
C THR B 107 -7.36 -28.22 -10.26
N GLU B 108 -8.00 -29.16 -10.97
CA GLU B 108 -7.73 -30.58 -10.76
C GLU B 108 -6.40 -30.95 -11.40
N ALA B 109 -6.24 -30.57 -12.69
CA ALA B 109 -5.03 -30.85 -13.43
C ALA B 109 -3.90 -29.92 -12.98
N LYS B 110 -4.27 -28.74 -12.47
CA LYS B 110 -3.33 -27.70 -12.08
C LYS B 110 -2.63 -27.15 -13.33
N LYS B 111 -3.43 -26.79 -14.35
CA LYS B 111 -2.92 -26.04 -15.49
C LYS B 111 -4.10 -25.43 -16.26
N ASN B 112 -3.77 -24.52 -17.19
CA ASN B 112 -4.75 -23.84 -18.01
C ASN B 112 -5.15 -24.72 -19.21
N LEU B 113 -6.42 -24.62 -19.60
CA LEU B 113 -6.97 -25.34 -20.74
C LEU B 113 -6.91 -24.45 -21.97
N CYS B 114 -6.90 -23.13 -21.75
CA CYS B 114 -6.80 -22.14 -22.81
C CYS B 114 -6.84 -20.75 -22.21
N GLU B 115 -6.54 -19.75 -23.04
CA GLU B 115 -6.56 -18.35 -22.64
C GLU B 115 -7.00 -17.54 -23.86
N ILE B 116 -8.19 -16.94 -23.78
CA ILE B 116 -8.80 -16.34 -24.93
C ILE B 116 -8.69 -14.82 -24.83
N ASN B 117 -8.50 -14.17 -25.99
CA ASN B 117 -8.43 -12.71 -26.07
C ASN B 117 -9.84 -12.18 -26.29
N ILE B 118 -10.14 -11.04 -25.65
CA ILE B 118 -11.49 -10.55 -25.62
C ILE B 118 -11.58 -9.30 -26.49
N ASN B 119 -10.71 -8.31 -26.22
CA ASN B 119 -10.88 -6.99 -26.80
C ASN B 119 -9.57 -6.21 -26.70
N ASP B 120 -9.12 -5.65 -27.83
CA ASP B 120 -7.94 -4.80 -27.86
C ASP B 120 -8.20 -3.55 -27.02
N ASN B 121 -9.29 -2.85 -27.36
CA ASN B 121 -9.52 -1.50 -26.91
C ASN B 121 -9.74 -1.45 -25.39
N MET B 122 -9.97 -2.62 -24.77
CA MET B 122 -10.62 -2.69 -23.46
C MET B 122 -10.08 -3.90 -22.68
N PRO B 123 -8.91 -3.76 -22.03
CA PRO B 123 -8.22 -4.91 -21.43
C PRO B 123 -8.61 -5.32 -20.01
N ARG B 124 -9.35 -4.47 -19.30
CA ARG B 124 -9.72 -4.77 -17.92
C ARG B 124 -10.93 -5.70 -17.91
N ILE B 125 -10.68 -6.98 -17.59
CA ILE B 125 -11.76 -7.93 -17.43
C ILE B 125 -12.32 -7.84 -16.01
N LEU B 126 -13.31 -6.95 -15.84
CA LEU B 126 -13.76 -6.52 -14.53
C LEU B 126 -14.70 -7.54 -13.91
N SER B 127 -15.38 -8.33 -14.74
CA SER B 127 -16.41 -9.22 -14.23
C SER B 127 -16.57 -10.47 -15.12
N LEU B 128 -16.86 -11.58 -14.46
CA LEU B 128 -17.16 -12.86 -15.08
C LEU B 128 -18.31 -13.50 -14.33
N ALA B 129 -19.33 -13.92 -15.09
CA ALA B 129 -20.46 -14.64 -14.54
C ALA B 129 -20.74 -15.86 -15.41
N CYS B 130 -20.55 -17.04 -14.83
CA CYS B 130 -20.83 -18.28 -15.53
C CYS B 130 -22.32 -18.61 -15.41
N SER B 131 -22.95 -18.98 -16.53
CA SER B 131 -24.39 -19.24 -16.53
C SER B 131 -24.71 -20.44 -15.65
N PRO B 132 -25.88 -20.43 -14.97
CA PRO B 132 -26.29 -21.55 -14.14
C PRO B 132 -26.25 -22.88 -14.88
N ASN B 133 -26.61 -22.87 -16.17
CA ASN B 133 -26.62 -24.12 -16.91
C ASN B 133 -25.21 -24.46 -17.42
N GLY B 134 -24.27 -23.54 -17.27
CA GLY B 134 -22.87 -23.83 -17.55
C GLY B 134 -22.50 -23.60 -19.01
N ALA B 135 -23.48 -23.22 -19.84
CA ALA B 135 -23.29 -23.25 -21.29
C ALA B 135 -22.76 -21.90 -21.78
N SER B 136 -22.80 -20.89 -20.94
CA SER B 136 -22.34 -19.57 -21.33
C SER B 136 -21.71 -18.84 -20.15
N PHE B 137 -20.93 -17.80 -20.47
CA PHE B 137 -20.45 -16.87 -19.46
C PHE B 137 -20.48 -15.46 -20.04
N VAL B 138 -20.76 -14.50 -19.17
CA VAL B 138 -20.73 -13.10 -19.50
C VAL B 138 -19.42 -12.51 -18.96
N CYS B 139 -18.81 -11.61 -19.71
CA CYS B 139 -17.71 -10.84 -19.15
C CYS B 139 -17.85 -9.37 -19.48
N SER B 140 -17.42 -8.56 -18.50
CA SER B 140 -17.22 -7.14 -18.63
C SER B 140 -15.78 -6.90 -19.08
N ALA B 141 -15.62 -6.13 -20.15
CA ALA B 141 -14.31 -5.70 -20.61
C ALA B 141 -14.33 -4.18 -20.67
N ALA B 142 -13.41 -3.54 -19.91
CA ALA B 142 -13.42 -2.10 -19.76
C ALA B 142 -12.11 -1.50 -20.28
N ALA B 143 -12.19 -0.22 -20.68
CA ALA B 143 -11.04 0.57 -21.09
C ALA B 143 -10.08 0.76 -19.90
N PRO B 144 -8.83 1.21 -20.13
CA PRO B 144 -7.97 1.71 -19.04
C PRO B 144 -8.66 2.78 -18.19
N SER B 145 -8.44 2.71 -16.87
CA SER B 145 -8.70 3.85 -16.01
C SER B 145 -7.88 5.06 -16.47
N LEU B 146 -8.49 6.25 -16.32
CA LEU B 146 -7.87 7.51 -16.67
C LEU B 146 -6.63 7.75 -15.81
N THR B 147 -5.60 8.37 -16.42
CA THR B 147 -4.34 8.73 -15.75
C THR B 147 -4.62 9.80 -14.72
N GLY B 161 -13.04 11.27 -11.55
CA GLY B 161 -13.86 10.47 -12.49
C GLY B 161 -13.01 9.44 -13.25
N MET B 162 -12.05 8.85 -12.54
CA MET B 162 -11.00 8.03 -13.14
C MET B 162 -11.59 6.75 -13.75
N ASN B 163 -12.74 6.29 -13.22
CA ASN B 163 -13.33 5.04 -13.68
C ASN B 163 -14.54 5.29 -14.58
N GLN B 164 -14.81 6.56 -14.94
CA GLN B 164 -15.85 6.86 -15.93
C GLN B 164 -15.31 6.65 -17.34
N VAL B 165 -15.12 5.38 -17.69
CA VAL B 165 -14.52 5.01 -18.96
C VAL B 165 -15.42 3.99 -19.65
N PRO B 166 -15.36 3.90 -21.00
CA PRO B 166 -16.19 2.95 -21.75
C PRO B 166 -15.89 1.50 -21.38
N GLY B 167 -16.93 0.66 -21.43
CA GLY B 167 -16.79 -0.77 -21.26
C GLY B 167 -17.68 -1.52 -22.27
N ARG B 168 -17.50 -2.84 -22.34
CA ARG B 168 -18.40 -3.69 -23.10
C ARG B 168 -18.89 -4.83 -22.20
N LEU B 169 -20.03 -5.41 -22.58
CA LEU B 169 -20.58 -6.59 -21.93
C LEU B 169 -20.87 -7.64 -22.98
N LEU B 170 -20.28 -8.82 -22.79
CA LEU B 170 -20.18 -9.81 -23.84
C LEU B 170 -20.67 -11.16 -23.31
N LEU B 171 -21.36 -11.90 -24.17
CA LEU B 171 -21.78 -13.26 -23.89
C LEU B 171 -20.86 -14.22 -24.64
N TRP B 172 -20.38 -15.24 -23.93
CA TRP B 172 -19.48 -16.22 -24.52
C TRP B 172 -20.07 -17.62 -24.33
N ASP B 173 -19.80 -18.47 -25.29
CA ASP B 173 -20.21 -19.86 -25.30
C ASP B 173 -19.06 -20.73 -24.76
N THR B 174 -19.38 -21.56 -23.70
CA THR B 174 -18.37 -22.33 -23.02
C THR B 174 -17.92 -23.53 -23.87
N LYS B 175 -18.81 -24.12 -24.67
CA LYS B 175 -18.43 -25.29 -25.46
C LYS B 175 -17.22 -24.95 -26.35
N THR B 176 -17.36 -23.86 -27.13
CA THR B 176 -16.39 -23.45 -28.14
C THR B 176 -15.47 -22.34 -27.63
N MET B 177 -15.71 -21.82 -26.42
CA MET B 177 -15.02 -20.63 -25.92
C MET B 177 -14.95 -19.55 -27.02
N LYS B 178 -16.10 -19.18 -27.57
CA LYS B 178 -16.17 -18.16 -28.59
C LYS B 178 -17.25 -17.15 -28.17
N GLN B 179 -17.13 -15.93 -28.72
CA GLN B 179 -18.07 -14.87 -28.41
C GLN B 179 -19.40 -15.12 -29.13
N GLN B 180 -20.49 -15.07 -28.37
CA GLN B 180 -21.83 -15.29 -28.89
C GLN B 180 -22.47 -13.99 -29.34
N LEU B 181 -22.23 -12.89 -28.60
CA LEU B 181 -23.13 -11.77 -28.61
C LEU B 181 -22.52 -10.62 -27.80
N GLN B 182 -22.87 -9.38 -28.15
CA GLN B 182 -22.48 -8.22 -27.39
C GLN B 182 -23.72 -7.42 -26.98
N PHE B 183 -23.80 -7.02 -25.71
CA PHE B 183 -24.98 -6.30 -25.23
C PHE B 183 -24.83 -4.79 -25.45
N SER B 184 -25.98 -4.13 -25.66
CA SER B 184 -26.07 -2.66 -25.70
C SER B 184 -25.98 -2.08 -24.30
N LEU B 185 -25.10 -1.07 -24.14
CA LEU B 185 -24.98 -0.33 -22.89
C LEU B 185 -25.40 1.11 -23.18
N ASP B 186 -26.60 1.47 -22.72
CA ASP B 186 -27.07 2.82 -22.99
C ASP B 186 -27.15 3.59 -21.69
N PRO B 187 -26.92 4.93 -21.72
CA PRO B 187 -26.79 5.66 -23.00
C PRO B 187 -25.44 5.44 -23.68
N GLU B 188 -24.39 5.28 -22.86
CA GLU B 188 -23.02 5.19 -23.36
C GLU B 188 -22.37 3.88 -22.89
N PRO B 189 -21.43 3.33 -23.68
CA PRO B 189 -20.54 2.28 -23.17
C PRO B 189 -19.87 2.78 -21.90
N ILE B 190 -19.96 1.99 -20.84
CA ILE B 190 -19.36 2.31 -19.56
C ILE B 190 -18.85 1.01 -18.93
N ALA B 191 -17.87 1.12 -18.04
CA ALA B 191 -17.32 -0.04 -17.36
C ALA B 191 -18.34 -0.67 -16.42
N ILE B 192 -18.60 -1.97 -16.62
CA ILE B 192 -19.44 -2.76 -15.74
C ILE B 192 -18.53 -3.47 -14.72
N ASN B 193 -18.84 -3.27 -13.44
CA ASN B 193 -18.02 -3.74 -12.33
C ASN B 193 -18.48 -5.11 -11.85
N CYS B 194 -19.78 -5.39 -11.96
CA CYS B 194 -20.32 -6.57 -11.33
C CYS B 194 -21.54 -7.10 -12.08
N THR B 195 -21.68 -8.43 -12.07
CA THR B 195 -22.73 -9.16 -12.78
C THR B 195 -23.20 -10.30 -11.87
N ALA B 196 -24.50 -10.61 -11.91
CA ALA B 196 -25.02 -11.82 -11.29
C ALA B 196 -26.22 -12.32 -12.04
N PHE B 197 -26.23 -13.64 -12.25
CA PHE B 197 -27.38 -14.34 -12.77
C PHE B 197 -28.40 -14.58 -11.66
N ASN B 198 -29.68 -14.67 -12.05
CA ASN B 198 -30.68 -15.26 -11.18
C ASN B 198 -30.54 -16.80 -11.20
N HIS B 199 -31.40 -17.48 -10.43
CA HIS B 199 -31.21 -18.90 -10.14
C HIS B 199 -31.36 -19.75 -11.41
N ASN B 200 -32.28 -19.35 -12.30
CA ASN B 200 -32.56 -20.06 -13.53
C ASN B 200 -31.56 -19.73 -14.65
N GLY B 201 -31.01 -18.51 -14.65
CA GLY B 201 -30.11 -18.06 -15.69
C GLY B 201 -30.78 -17.20 -16.76
N ASN B 202 -32.09 -16.96 -16.60
CA ASN B 202 -32.86 -16.21 -17.57
C ASN B 202 -32.78 -14.71 -17.29
N LEU B 203 -32.19 -14.30 -16.16
CA LEU B 203 -31.98 -12.88 -15.92
C LEU B 203 -30.53 -12.68 -15.46
N LEU B 204 -29.96 -11.54 -15.88
CA LEU B 204 -28.65 -11.08 -15.42
C LEU B 204 -28.78 -9.63 -14.94
N VAL B 205 -28.30 -9.35 -13.72
CA VAL B 205 -28.24 -8.01 -13.21
C VAL B 205 -26.78 -7.51 -13.24
N THR B 206 -26.59 -6.21 -13.51
CA THR B 206 -25.26 -5.65 -13.66
C THR B 206 -25.20 -4.29 -12.95
N GLY B 207 -24.01 -3.95 -12.43
CA GLY B 207 -23.75 -2.62 -11.92
C GLY B 207 -22.45 -2.07 -12.49
N ALA B 208 -22.47 -0.75 -12.76
CA ALA B 208 -21.46 -0.08 -13.55
C ALA B 208 -20.82 1.07 -12.78
N ALA B 209 -19.68 1.53 -13.31
CA ALA B 209 -18.87 2.55 -12.66
C ALA B 209 -19.61 3.88 -12.59
N ASP B 210 -20.69 4.03 -13.36
CA ASP B 210 -21.44 5.27 -13.38
C ASP B 210 -22.68 5.19 -12.48
N GLY B 211 -22.80 4.13 -11.68
CA GLY B 211 -23.85 4.06 -10.68
C GLY B 211 -25.16 3.48 -11.22
N VAL B 212 -25.12 2.96 -12.46
CA VAL B 212 -26.31 2.49 -13.15
C VAL B 212 -26.41 0.96 -13.05
N ILE B 213 -27.61 0.48 -12.74
CA ILE B 213 -27.90 -0.94 -12.80
C ILE B 213 -28.63 -1.26 -14.10
N ARG B 214 -28.18 -2.35 -14.75
CA ARG B 214 -28.83 -2.85 -15.95
C ARG B 214 -29.16 -4.33 -15.75
N LEU B 215 -30.45 -4.65 -16.02
CA LEU B 215 -30.99 -5.98 -15.92
C LEU B 215 -31.24 -6.51 -17.33
N PHE B 216 -30.65 -7.65 -17.66
CA PHE B 216 -30.83 -8.27 -18.96
C PHE B 216 -31.72 -9.50 -18.82
N ASP B 217 -32.69 -9.60 -19.72
CA ASP B 217 -33.42 -10.82 -19.98
C ASP B 217 -32.55 -11.67 -20.91
N MET B 218 -32.17 -12.86 -20.42
CA MET B 218 -31.15 -13.68 -21.07
C MET B 218 -31.77 -14.70 -22.02
N GLN B 219 -33.10 -14.69 -22.18
CA GLN B 219 -33.75 -15.51 -23.19
C GLN B 219 -33.89 -14.70 -24.48
N GLN B 220 -34.37 -13.46 -24.32
CA GLN B 220 -34.45 -12.49 -25.41
C GLN B 220 -33.03 -11.98 -25.75
N HIS B 221 -32.11 -12.01 -24.76
CA HIS B 221 -30.80 -11.39 -24.88
C HIS B 221 -30.95 -9.88 -25.10
N GLU B 222 -31.55 -9.20 -24.13
CA GLU B 222 -31.93 -7.80 -24.28
C GLU B 222 -31.97 -7.14 -22.91
N CYS B 223 -31.63 -5.84 -22.86
CA CYS B 223 -31.76 -5.05 -21.64
C CYS B 223 -33.23 -4.81 -21.34
N ALA B 224 -33.74 -5.47 -20.31
CA ALA B 224 -35.13 -5.34 -19.94
C ALA B 224 -35.34 -4.00 -19.22
N MET B 225 -34.30 -3.48 -18.58
CA MET B 225 -34.49 -2.51 -17.49
C MET B 225 -33.16 -1.82 -17.16
N SER B 226 -33.20 -0.51 -16.87
CA SER B 226 -32.04 0.15 -16.29
C SER B 226 -32.46 1.40 -15.50
N TRP B 227 -31.62 1.80 -14.54
CA TRP B 227 -31.90 2.92 -13.68
C TRP B 227 -30.65 3.32 -12.89
N ARG B 228 -30.64 4.58 -12.46
CA ARG B 228 -29.57 5.15 -11.65
C ARG B 228 -29.72 4.60 -10.24
N ALA B 229 -28.69 3.91 -9.75
CA ALA B 229 -28.79 3.17 -8.50
C ALA B 229 -27.95 3.84 -7.41
N HIS B 230 -26.71 4.17 -7.71
CA HIS B 230 -25.79 4.75 -6.73
C HIS B 230 -25.23 6.09 -7.21
N TYR B 231 -24.93 6.95 -6.24
CA TYR B 231 -24.02 8.06 -6.44
C TYR B 231 -22.61 7.51 -6.42
N GLY B 232 -22.03 7.36 -7.61
CA GLY B 232 -20.74 6.70 -7.76
C GLY B 232 -20.97 5.25 -8.19
N GLU B 233 -19.89 4.46 -8.11
CA GLU B 233 -19.83 3.14 -8.71
C GLU B 233 -20.73 2.16 -7.97
N VAL B 234 -21.30 1.21 -8.73
CA VAL B 234 -21.88 0.02 -8.14
C VAL B 234 -20.80 -1.05 -8.00
N TYR B 235 -20.75 -1.66 -6.82
CA TYR B 235 -19.69 -2.60 -6.51
C TYR B 235 -20.15 -4.05 -6.56
N SER B 236 -21.35 -4.32 -6.02
CA SER B 236 -21.89 -5.68 -6.06
C SER B 236 -23.39 -5.62 -6.26
N VAL B 237 -23.93 -6.68 -6.88
CA VAL B 237 -25.35 -6.83 -7.16
C VAL B 237 -25.74 -8.30 -6.91
N GLU B 238 -27.03 -8.51 -6.60
CA GLU B 238 -27.53 -9.84 -6.28
C GLU B 238 -29.05 -9.83 -6.39
N PHE B 239 -29.60 -10.93 -6.90
CA PHE B 239 -31.02 -11.19 -6.86
C PHE B 239 -31.41 -11.63 -5.45
N SER B 240 -32.59 -11.20 -4.99
CA SER B 240 -33.18 -11.72 -3.78
C SER B 240 -33.56 -13.16 -4.04
N TYR B 241 -33.75 -13.91 -2.96
CA TYR B 241 -34.15 -15.30 -3.04
C TYR B 241 -35.44 -15.45 -3.85
N ASP B 242 -36.50 -14.67 -3.50
CA ASP B 242 -37.78 -14.74 -4.19
C ASP B 242 -37.70 -14.09 -5.57
N GLU B 243 -36.64 -13.31 -5.83
CA GLU B 243 -36.42 -12.65 -7.13
C GLU B 243 -37.50 -11.58 -7.41
N ASN B 244 -38.12 -11.07 -6.34
CA ASN B 244 -38.90 -9.84 -6.46
C ASN B 244 -37.98 -8.61 -6.47
N THR B 245 -36.76 -8.76 -5.94
CA THR B 245 -35.89 -7.60 -5.83
C THR B 245 -34.47 -7.97 -6.27
N VAL B 246 -33.68 -6.92 -6.48
CA VAL B 246 -32.26 -7.04 -6.58
C VAL B 246 -31.66 -6.13 -5.50
N TYR B 247 -30.51 -6.55 -4.96
CA TYR B 247 -29.76 -5.78 -4.00
C TYR B 247 -28.53 -5.19 -4.68
N SER B 248 -28.13 -4.00 -4.25
CA SER B 248 -26.89 -3.40 -4.71
C SER B 248 -26.16 -2.74 -3.54
N ILE B 249 -24.85 -2.56 -3.70
CA ILE B 249 -24.03 -1.84 -2.77
C ILE B 249 -23.01 -1.06 -3.57
N GLY B 250 -22.82 0.22 -3.22
CA GLY B 250 -22.04 1.10 -4.07
C GLY B 250 -21.25 2.13 -3.27
N GLU B 251 -20.68 3.07 -4.01
CA GLU B 251 -19.60 3.93 -3.52
C GLU B 251 -20.13 4.98 -2.56
N ASP B 252 -21.43 5.26 -2.62
CA ASP B 252 -22.08 6.19 -1.72
C ASP B 252 -22.35 5.54 -0.36
N GLY B 253 -21.96 4.28 -0.21
CA GLY B 253 -21.96 3.63 1.10
C GLY B 253 -23.30 2.98 1.39
N LYS B 254 -24.20 2.98 0.39
CA LYS B 254 -25.56 2.51 0.60
C LYS B 254 -25.71 1.05 0.17
N PHE B 255 -26.52 0.32 0.95
CA PHE B 255 -27.12 -0.93 0.56
C PHE B 255 -28.56 -0.64 0.14
N ILE B 256 -28.94 -1.04 -1.08
CA ILE B 256 -30.23 -0.68 -1.65
C ILE B 256 -30.91 -1.93 -2.24
N GLN B 257 -32.21 -2.03 -2.02
CA GLN B 257 -33.02 -3.10 -2.57
C GLN B 257 -34.02 -2.48 -3.52
N TRP B 258 -34.12 -3.06 -4.71
CA TRP B 258 -34.81 -2.47 -5.83
C TRP B 258 -35.92 -3.42 -6.29
N ASN B 259 -37.05 -2.83 -6.68
CA ASN B 259 -38.20 -3.60 -7.12
C ASN B 259 -37.99 -3.95 -8.59
N ILE B 260 -37.93 -5.24 -8.90
CA ILE B 260 -37.57 -5.71 -10.23
C ILE B 260 -38.78 -5.60 -11.17
N HIS B 261 -39.98 -5.41 -10.60
CA HIS B 261 -41.18 -5.28 -11.40
C HIS B 261 -41.45 -3.82 -11.76
N LYS B 262 -40.60 -2.88 -11.29
CA LYS B 262 -40.86 -1.45 -11.48
C LYS B 262 -39.54 -0.68 -11.44
N SER B 263 -39.05 -0.31 -12.63
CA SER B 263 -37.66 0.14 -12.82
C SER B 263 -37.33 1.33 -11.92
N GLY B 264 -36.35 1.14 -11.01
CA GLY B 264 -35.75 2.25 -10.28
C GLY B 264 -36.54 2.62 -9.03
N LEU B 265 -37.53 1.79 -8.66
CA LEU B 265 -38.30 1.98 -7.44
C LEU B 265 -37.61 1.23 -6.32
N LYS B 266 -37.09 1.99 -5.35
CA LYS B 266 -36.44 1.42 -4.20
C LYS B 266 -37.49 0.76 -3.32
N VAL B 267 -37.15 -0.39 -2.74
CA VAL B 267 -37.94 -0.96 -1.66
C VAL B 267 -37.39 -0.46 -0.33
N SER B 268 -36.06 -0.49 -0.20
CA SER B 268 -35.35 -0.29 1.04
C SER B 268 -34.00 0.38 0.76
N GLU B 269 -33.46 1.07 1.75
CA GLU B 269 -32.23 1.81 1.57
C GLU B 269 -31.59 2.01 2.94
N TYR B 270 -30.29 1.73 3.03
CA TYR B 270 -29.56 1.83 4.29
C TYR B 270 -28.14 2.34 4.01
N SER B 271 -27.71 3.32 4.81
CA SER B 271 -26.33 3.72 4.88
C SER B 271 -25.59 2.75 5.79
N LEU B 272 -24.72 1.93 5.20
CA LEU B 272 -23.91 1.01 5.98
C LEU B 272 -22.78 1.79 6.62
N PRO B 273 -22.13 1.27 7.67
CA PRO B 273 -20.90 1.89 8.16
C PRO B 273 -19.94 2.01 6.99
N SER B 274 -19.04 2.98 7.05
CA SER B 274 -18.23 3.29 5.88
C SER B 274 -17.28 2.13 5.59
N ASP B 275 -16.98 1.33 6.63
CA ASP B 275 -15.99 0.27 6.53
C ASP B 275 -16.56 -0.94 5.76
N ALA B 276 -17.82 -0.84 5.35
CA ALA B 276 -18.41 -1.89 4.52
C ALA B 276 -18.07 -1.67 3.05
N THR B 277 -17.72 -0.41 2.68
CA THR B 277 -17.49 -0.05 1.29
C THR B 277 -16.13 0.62 1.09
N GLY B 278 -15.47 1.03 2.16
CA GLY B 278 -14.13 1.57 2.02
C GLY B 278 -14.14 2.99 1.46
N PRO B 279 -13.03 3.51 0.91
CA PRO B 279 -11.85 2.69 0.61
C PRO B 279 -11.21 2.07 1.84
N PHE B 280 -10.59 0.88 1.67
CA PHE B 280 -10.02 0.13 2.79
C PHE B 280 -8.55 0.55 2.94
N VAL B 281 -8.15 0.92 4.17
CA VAL B 281 -6.85 1.54 4.41
C VAL B 281 -6.16 0.74 5.52
N LEU B 282 -4.93 0.31 5.23
CA LEU B 282 -4.04 -0.26 6.23
C LEU B 282 -2.81 0.61 6.35
N SER B 283 -2.63 1.22 7.53
CA SER B 283 -1.53 2.14 7.81
C SER B 283 -0.55 1.51 8.80
N GLY B 284 0.74 1.76 8.58
CA GLY B 284 1.77 1.58 9.59
C GLY B 284 2.25 2.93 10.10
N TYR B 285 3.39 2.95 10.77
CA TYR B 285 3.80 4.15 11.46
C TYR B 285 4.80 4.95 10.60
N SER B 286 5.00 4.53 9.34
CA SER B 286 6.10 5.03 8.53
C SER B 286 5.75 6.32 7.79
N GLY B 287 4.46 6.70 7.77
CA GLY B 287 3.92 7.50 6.68
C GLY B 287 3.72 6.64 5.43
N TYR B 288 3.39 5.37 5.68
CA TYR B 288 3.13 4.40 4.64
C TYR B 288 1.72 3.85 4.84
N LYS B 289 1.00 3.64 3.74
CA LYS B 289 -0.32 3.06 3.83
C LYS B 289 -0.64 2.31 2.54
N GLN B 290 -1.51 1.34 2.70
CA GLN B 290 -2.09 0.59 1.60
C GLN B 290 -3.56 0.95 1.50
N VAL B 291 -4.01 1.22 0.29
CA VAL B 291 -5.38 1.63 0.02
C VAL B 291 -5.99 0.73 -1.05
N GLN B 292 -7.14 0.15 -0.72
CA GLN B 292 -7.82 -0.80 -1.57
C GLN B 292 -9.28 -0.35 -1.77
N VAL B 293 -9.66 -0.15 -3.03
CA VAL B 293 -11.05 0.14 -3.34
C VAL B 293 -11.71 -1.19 -3.67
N PRO B 294 -13.05 -1.31 -3.49
CA PRO B 294 -13.75 -2.58 -3.74
C PRO B 294 -13.50 -3.11 -5.15
N ARG B 295 -13.18 -4.40 -5.24
CA ARG B 295 -13.05 -5.09 -6.51
C ARG B 295 -13.85 -6.41 -6.50
N GLY B 296 -13.67 -7.21 -5.45
CA GLY B 296 -14.44 -8.42 -5.25
C GLY B 296 -15.79 -8.16 -4.59
N ARG B 297 -16.52 -9.25 -4.33
N ARG B 297 -16.54 -9.25 -4.33
CA ARG B 297 -17.83 -9.20 -3.73
CA ARG B 297 -17.87 -9.17 -3.76
C ARG B 297 -17.74 -8.49 -2.38
C ARG B 297 -17.79 -8.52 -2.37
N LEU B 298 -18.66 -7.52 -2.14
CA LEU B 298 -18.73 -6.80 -0.88
C LEU B 298 -19.83 -7.36 0.03
N PHE B 299 -20.70 -8.21 -0.51
CA PHE B 299 -21.71 -8.86 0.31
C PHE B 299 -21.89 -10.32 -0.14
N ALA B 300 -22.52 -11.12 0.73
CA ALA B 300 -22.88 -12.50 0.44
C ALA B 300 -24.06 -12.90 1.31
N PHE B 301 -24.67 -14.06 1.02
CA PHE B 301 -25.96 -14.38 1.58
C PHE B 301 -26.00 -15.84 1.99
N ASP B 302 -26.80 -16.11 3.02
CA ASP B 302 -27.14 -17.47 3.41
C ASP B 302 -28.02 -18.09 2.32
N SER B 303 -28.36 -19.36 2.48
CA SER B 303 -28.98 -20.12 1.40
C SER B 303 -30.39 -19.61 1.09
N GLU B 304 -31.11 -19.11 2.09
CA GLU B 304 -32.49 -18.68 1.91
C GLU B 304 -32.54 -17.17 1.61
N GLY B 305 -31.39 -16.50 1.64
CA GLY B 305 -31.36 -15.08 1.41
C GLY B 305 -32.10 -14.29 2.51
N ASN B 306 -32.04 -14.77 3.76
CA ASN B 306 -32.60 -14.04 4.89
C ASN B 306 -31.54 -13.23 5.61
N TYR B 307 -30.26 -13.53 5.37
CA TYR B 307 -29.18 -12.86 6.05
C TYR B 307 -28.10 -12.49 5.04
N MET B 308 -27.36 -11.41 5.39
CA MET B 308 -26.35 -10.83 4.52
C MET B 308 -25.08 -10.54 5.31
N LEU B 309 -23.96 -11.02 4.76
CA LEU B 309 -22.62 -10.81 5.27
C LEU B 309 -22.00 -9.62 4.55
N THR B 310 -21.38 -8.73 5.33
CA THR B 310 -20.70 -7.56 4.81
C THR B 310 -19.29 -7.49 5.40
N CYS B 311 -18.48 -6.58 4.86
CA CYS B 311 -17.15 -6.32 5.39
C CYS B 311 -17.20 -5.37 6.60
N SER B 312 -16.17 -5.43 7.47
CA SER B 312 -15.83 -4.33 8.37
C SER B 312 -14.36 -4.41 8.76
N ALA B 313 -13.91 -3.46 9.56
CA ALA B 313 -12.50 -3.28 9.82
C ALA B 313 -11.94 -4.49 10.57
N THR B 314 -12.79 -5.20 11.33
CA THR B 314 -12.28 -6.23 12.21
C THR B 314 -12.97 -7.57 11.93
N GLY B 315 -13.80 -7.64 10.88
CA GLY B 315 -14.38 -8.93 10.53
C GLY B 315 -15.74 -8.79 9.84
N GLY B 316 -16.33 -9.93 9.51
CA GLY B 316 -17.60 -9.96 8.82
C GLY B 316 -18.69 -9.42 9.75
N VAL B 317 -19.62 -8.66 9.17
CA VAL B 317 -20.80 -8.21 9.88
C VAL B 317 -22.03 -8.72 9.15
N ILE B 318 -22.91 -9.43 9.88
CA ILE B 318 -24.10 -10.04 9.28
C ILE B 318 -25.36 -9.30 9.70
N TYR B 319 -26.24 -9.04 8.73
CA TYR B 319 -27.52 -8.40 8.99
C TYR B 319 -28.66 -9.34 8.61
N LYS B 320 -29.79 -9.18 9.30
CA LYS B 320 -31.06 -9.77 8.89
C LYS B 320 -31.75 -8.84 7.88
N LEU B 321 -32.16 -9.42 6.74
CA LEU B 321 -32.79 -8.68 5.66
C LEU B 321 -34.29 -8.47 5.99
N GLU B 325 -35.19 -2.96 9.25
CA GLU B 325 -36.62 -2.56 9.41
C GLU B 325 -36.76 -1.08 9.08
N LYS B 326 -35.87 -0.25 9.65
CA LYS B 326 -35.71 1.14 9.24
C LYS B 326 -34.23 1.54 9.34
N VAL B 327 -33.60 1.25 10.49
CA VAL B 327 -32.15 1.15 10.60
C VAL B 327 -31.80 -0.34 10.65
N LEU B 328 -30.86 -0.78 9.80
CA LEU B 328 -30.73 -2.20 9.48
C LEU B 328 -30.20 -2.96 10.69
N GLU B 329 -30.79 -4.16 10.92
CA GLU B 329 -30.60 -4.91 12.15
C GLU B 329 -29.36 -5.79 12.04
N SER B 330 -28.21 -5.24 12.48
CA SER B 330 -26.99 -6.03 12.65
C SER B 330 -27.20 -7.06 13.73
N CYS B 331 -27.10 -8.35 13.38
CA CYS B 331 -27.44 -9.40 14.33
C CYS B 331 -26.23 -10.27 14.71
N LEU B 332 -25.11 -10.20 13.96
CA LEU B 332 -23.96 -11.04 14.28
C LEU B 332 -22.67 -10.44 13.71
N SER B 333 -21.63 -10.39 14.54
CA SER B 333 -20.30 -9.92 14.14
C SER B 333 -19.30 -11.06 14.27
N LEU B 334 -18.51 -11.34 13.22
CA LEU B 334 -17.73 -12.58 13.21
C LEU B 334 -16.36 -12.31 13.82
N GLY B 335 -15.84 -11.10 13.60
CA GLY B 335 -14.56 -10.70 14.19
C GLY B 335 -13.42 -11.53 13.61
N GLY B 336 -12.23 -11.39 14.21
CA GLY B 336 -11.13 -12.29 13.98
C GLY B 336 -10.03 -11.66 13.12
N HIS B 337 -10.23 -10.43 12.63
CA HIS B 337 -9.28 -9.82 11.72
C HIS B 337 -8.52 -8.67 12.41
N ARG B 338 -7.24 -8.57 12.06
CA ARG B 338 -6.31 -7.53 12.51
C ARG B 338 -6.15 -6.44 11.45
N ALA B 339 -6.76 -6.64 10.29
CA ALA B 339 -6.65 -5.71 9.19
C ALA B 339 -8.02 -5.66 8.50
N PRO B 340 -8.34 -4.61 7.71
CA PRO B 340 -9.67 -4.46 7.14
C PRO B 340 -10.10 -5.64 6.28
N VAL B 341 -11.35 -6.06 6.45
CA VAL B 341 -11.93 -7.02 5.54
C VAL B 341 -12.37 -6.29 4.27
N VAL B 342 -12.02 -6.86 3.11
CA VAL B 342 -12.27 -6.21 1.84
C VAL B 342 -13.15 -7.04 0.91
N THR B 343 -13.34 -8.34 1.18
CA THR B 343 -14.26 -9.13 0.38
C THR B 343 -14.69 -10.34 1.20
N VAL B 344 -15.86 -10.88 0.86
CA VAL B 344 -16.52 -11.90 1.65
C VAL B 344 -17.12 -12.94 0.70
N ASP B 345 -17.41 -14.13 1.25
CA ASP B 345 -18.31 -15.06 0.59
C ASP B 345 -19.07 -15.84 1.66
N TRP B 346 -20.16 -16.49 1.24
CA TRP B 346 -21.00 -17.27 2.13
C TRP B 346 -21.54 -18.46 1.34
N SER B 347 -21.21 -19.64 1.78
CA SER B 347 -21.66 -20.87 1.18
C SER B 347 -22.43 -21.68 2.21
N THR B 348 -23.47 -22.39 1.78
CA THR B 348 -24.20 -23.32 2.63
C THR B 348 -24.15 -24.70 1.96
N ALA B 349 -23.65 -25.69 2.69
CA ALA B 349 -23.59 -27.06 2.19
C ALA B 349 -23.78 -28.02 3.38
N MET B 350 -24.66 -29.01 3.19
CA MET B 350 -24.92 -30.02 4.21
C MET B 350 -25.63 -29.34 5.38
N ASP B 351 -26.48 -28.35 5.07
CA ASP B 351 -27.14 -27.55 6.10
C ASP B 351 -26.09 -27.09 7.12
N CYS B 352 -25.10 -26.33 6.61
CA CYS B 352 -23.97 -25.88 7.40
C CYS B 352 -23.32 -24.69 6.71
N GLY B 353 -23.34 -23.53 7.36
CA GLY B 353 -22.85 -22.32 6.73
C GLY B 353 -21.33 -22.19 6.83
N THR B 354 -20.72 -21.73 5.73
CA THR B 354 -19.32 -21.34 5.69
C THR B 354 -19.21 -19.92 5.17
N CYS B 355 -18.73 -19.01 6.04
CA CYS B 355 -18.44 -17.64 5.64
C CYS B 355 -16.95 -17.46 5.45
N LEU B 356 -16.60 -16.72 4.40
CA LEU B 356 -15.24 -16.28 4.13
C LEU B 356 -15.17 -14.78 4.35
N THR B 357 -14.16 -14.37 5.12
CA THR B 357 -13.79 -12.98 5.28
C THR B 357 -12.29 -12.87 5.02
N ALA B 358 -11.91 -11.92 4.13
CA ALA B 358 -10.57 -11.79 3.60
C ALA B 358 -10.06 -10.35 3.82
N SER B 359 -8.85 -10.20 4.37
CA SER B 359 -8.36 -8.90 4.80
C SER B 359 -7.04 -8.50 4.11
N MET B 360 -6.61 -7.25 4.36
CA MET B 360 -5.55 -6.58 3.61
C MET B 360 -4.16 -7.11 4.03
N ASP B 361 -4.11 -7.93 5.08
CA ASP B 361 -2.89 -8.61 5.49
C ASP B 361 -2.78 -9.99 4.83
N GLY B 362 -3.80 -10.35 4.03
CA GLY B 362 -3.78 -11.55 3.23
C GLY B 362 -4.37 -12.74 3.97
N LYS B 363 -4.89 -12.50 5.18
CA LYS B 363 -5.51 -13.56 5.94
C LYS B 363 -6.93 -13.79 5.43
N ILE B 364 -7.33 -15.06 5.35
CA ILE B 364 -8.72 -15.41 5.12
C ILE B 364 -9.24 -16.24 6.28
N LYS B 365 -10.29 -15.75 6.94
CA LYS B 365 -10.91 -16.48 8.02
C LYS B 365 -12.09 -17.25 7.43
N LEU B 366 -12.23 -18.48 7.88
CA LEU B 366 -13.35 -19.31 7.52
C LEU B 366 -14.13 -19.60 8.78
N THR B 367 -15.36 -19.06 8.85
CA THR B 367 -16.21 -19.18 10.01
C THR B 367 -17.32 -20.17 9.70
N THR B 368 -17.50 -21.16 10.58
CA THR B 368 -18.54 -22.16 10.44
C THR B 368 -19.76 -21.73 11.27
N LEU B 369 -20.91 -21.56 10.59
CA LEU B 369 -22.17 -21.20 11.23
C LEU B 369 -23.12 -22.40 11.19
N LEU B 370 -23.84 -22.61 12.30
CA LEU B 370 -24.97 -23.52 12.37
C LEU B 370 -26.22 -22.73 12.76
N ALA B 371 -27.33 -22.97 12.04
CA ALA B 371 -28.62 -22.35 12.36
C ALA B 371 -29.19 -23.00 13.62
N HIS B 372 -30.23 -22.36 14.19
CA HIS B 372 -30.93 -22.85 15.36
C HIS B 372 -29.96 -22.97 16.54
C4 A1BBV C . 28.56 4.76 22.16
C5 A1BBV C . 29.20 4.23 23.43
C6 A1BBV C . 28.45 3.07 24.03
C10 A1BBV C . 26.74 1.20 25.62
C15 A1BBV C . 23.66 2.13 29.47
C17 A1BBV C . 25.70 2.24 28.00
C21 A1BBV C . 26.62 -1.53 28.79
C22 A1BBV C . 26.96 -2.64 28.01
C24 A1BBV C . 29.27 -2.39 28.60
C26 A1BBV C . 27.64 -0.85 29.46
C28 A1BBV C . 26.57 5.30 20.90
C1 A1BBV C . 31.29 6.60 21.68
O2 A1BBV C . 30.70 5.36 21.30
C3 A1BBV C . 29.32 5.37 21.17
O7 A1BBV C . 28.52 1.94 23.57
N8 A1BBV C . 27.66 3.40 25.09
C9 A1BBV C . 26.91 2.55 25.94
C11 A1BBV C . 26.05 0.37 26.50
C12 A1BBV C . 25.53 0.89 27.68
N13 A1BBV C . 24.82 0.10 28.58
C14 A1BBV C . 23.56 0.65 29.07
C16 A1BBV C . 25.03 2.77 29.24
C18 A1BBV C . 26.40 3.06 27.12
C19 A1BBV C . 25.20 -1.14 28.98
O20 A1BBV C . 24.40 -1.91 29.48
C23 A1BBV C . 28.27 -3.07 27.92
C25 A1BBV C . 28.96 -1.28 29.36
C27 A1BBV C . 27.17 4.73 22.01
C29 A1BBV C . 27.33 5.91 19.93
C30 A1BBV C . 28.72 5.95 20.05
C31 A1BBV C . 29.51 6.50 18.98
N32 A1BBV C . 30.08 6.92 18.09
C4 A1BBV D . -16.89 -25.31 -20.10
C5 A1BBV D . -16.56 -26.31 -21.17
C6 A1BBV D . -15.09 -26.39 -21.54
C10 A1BBV D . -12.29 -25.82 -22.78
C15 A1BBV D . -11.45 -23.57 -27.02
C17 A1BBV D . -12.48 -25.23 -25.50
C21 A1BBV D . -9.14 -27.40 -25.14
C22 A1BBV D . -8.18 -27.85 -24.22
C24 A1BBV D . -9.44 -29.89 -23.90
C26 A1BBV D . -10.23 -28.21 -25.43
C28 A1BBV D . -16.41 -23.22 -18.96
C1 A1BBV D . -19.95 -26.57 -19.70
O2 A1BBV D . -18.61 -26.73 -19.27
C3 A1BBV D . -17.91 -25.56 -19.17
O7 A1BBV D . -14.29 -27.03 -20.86
N8 A1BBV D . -14.76 -25.68 -22.64
C9 A1BBV D . -13.55 -25.67 -23.36
C11 A1BBV D . -11.14 -25.69 -23.54
C12 A1BBV D . -11.24 -25.40 -24.91
N13 A1BBV D . -10.10 -25.22 -25.73
C14 A1BBV D . -10.06 -24.01 -26.57
C16 A1BBV D . -12.51 -24.69 -26.90
C18 A1BBV D . -13.63 -25.37 -24.73
C19 A1BBV D . -9.00 -26.04 -25.75
O20 A1BBV D . -7.90 -25.64 -26.16
C23 A1BBV D . -8.34 -29.08 -23.61
C25 A1BBV D . -10.39 -29.44 -24.81
C27 A1BBV D . -16.16 -24.13 -19.98
C29 A1BBV D . -17.42 -23.46 -18.04
C30 A1BBV D . -18.18 -24.63 -18.11
C31 A1BBV D . -19.12 -24.88 -17.06
N32 A1BBV D . -19.83 -25.05 -16.18
#